data_1CVY
# 
_entry.id   1CVY 
# 
_audit_conform.dict_name       mmcif_pdbx.dic 
_audit_conform.dict_version    5.385 
_audit_conform.dict_location   http://mmcif.pdb.org/dictionaries/ascii/mmcif_pdbx.dic 
# 
loop_
_database_2.database_id 
_database_2.database_code 
_database_2.pdbx_database_accession 
_database_2.pdbx_DOI 
PDB   1CVY         pdb_00001cvy 10.2210/pdb1cvy/pdb 
NDB   DD0021       ?            ?                   
RCSB  RCSB009575   ?            ?                   
WWPDB D_1000009575 ?            ?                   
# 
loop_
_pdbx_audit_revision_history.ordinal 
_pdbx_audit_revision_history.data_content_type 
_pdbx_audit_revision_history.major_revision 
_pdbx_audit_revision_history.minor_revision 
_pdbx_audit_revision_history.revision_date 
1 'Structure model' 1 0 2000-01-15 
2 'Structure model' 1 1 2008-04-27 
3 'Structure model' 1 2 2011-07-13 
4 'Structure model' 1 3 2017-02-01 
5 'Structure model' 1 4 2024-02-07 
# 
_pdbx_audit_revision_details.ordinal             1 
_pdbx_audit_revision_details.revision_ordinal    1 
_pdbx_audit_revision_details.data_content_type   'Structure model' 
_pdbx_audit_revision_details.provider            repository 
_pdbx_audit_revision_details.type                'Initial release' 
_pdbx_audit_revision_details.description         ? 
_pdbx_audit_revision_details.details             ? 
# 
loop_
_pdbx_audit_revision_group.ordinal 
_pdbx_audit_revision_group.revision_ordinal 
_pdbx_audit_revision_group.data_content_type 
_pdbx_audit_revision_group.group 
1 2 'Structure model' 'Version format compliance' 
2 3 'Structure model' 'Version format compliance' 
3 4 'Structure model' 'Structure summary'         
4 5 'Structure model' 'Data collection'           
5 5 'Structure model' 'Database references'       
6 5 'Structure model' 'Derived calculations'      
# 
loop_
_pdbx_audit_revision_category.ordinal 
_pdbx_audit_revision_category.revision_ordinal 
_pdbx_audit_revision_category.data_content_type 
_pdbx_audit_revision_category.category 
1 5 'Structure model' chem_comp_atom 
2 5 'Structure model' chem_comp_bond 
3 5 'Structure model' database_2     
4 5 'Structure model' struct_site    
# 
loop_
_pdbx_audit_revision_item.ordinal 
_pdbx_audit_revision_item.revision_ordinal 
_pdbx_audit_revision_item.data_content_type 
_pdbx_audit_revision_item.item 
1 5 'Structure model' '_database_2.pdbx_DOI'                
2 5 'Structure model' '_database_2.pdbx_database_accession' 
3 5 'Structure model' '_struct_site.pdbx_auth_asym_id'      
4 5 'Structure model' '_struct_site.pdbx_auth_comp_id'      
5 5 'Structure model' '_struct_site.pdbx_auth_seq_id'       
# 
_pdbx_database_status.status_code                     REL 
_pdbx_database_status.entry_id                        1CVY 
_pdbx_database_status.recvd_initial_deposition_date   1999-08-24 
_pdbx_database_status.deposit_site                    RCSB 
_pdbx_database_status.process_site                    RCSB 
_pdbx_database_status.SG_entry                        . 
_pdbx_database_status.status_code_sf                  ? 
_pdbx_database_status.status_code_mr                  ? 
_pdbx_database_status.status_code_cs                  ? 
_pdbx_database_status.methods_development_category    ? 
_pdbx_database_status.pdb_format_compatible           Y 
_pdbx_database_status.status_code_nmr_data            ? 
# 
_pdbx_database_related.db_name        PDB 
_pdbx_database_related.db_id          1CVX 
_pdbx_database_related.details        'HYDROXYPYRROLE COUNTERPART' 
_pdbx_database_related.content_type   unspecified 
# 
loop_
_audit_author.name 
_audit_author.pdbx_ordinal 
'Kielkopf, C.L.' 1 
'Bremer, R.E.'   2 
'White, S.'      3 
'Baird, E.E.'    4 
'Dervan, P.B.'   5 
'Rees, D.C.'     6 
# 
_citation.id                        primary 
_citation.title                     
'Structural effects of DNA sequence on T.A recognition by hydroxypyrrole/pyrrole pairs in the minor groove.' 
_citation.journal_abbrev            J.Mol.Biol. 
_citation.journal_volume            295 
_citation.page_first                557 
_citation.page_last                 567 
_citation.year                      2000 
_citation.journal_id_ASTM           JMOBAK 
_citation.country                   UK 
_citation.journal_id_ISSN           0022-2836 
_citation.journal_id_CSD            0070 
_citation.book_publisher            ? 
_citation.pdbx_database_id_PubMed   10623546 
_citation.pdbx_database_id_DOI      10.1006/jmbi.1999.3364 
# 
loop_
_citation_author.citation_id 
_citation_author.name 
_citation_author.ordinal 
_citation_author.identifier_ORCID 
primary 'Kielkopf, C.L.' 1 ? 
primary 'Bremer, R.E.'   2 ? 
primary 'White, S.'      3 ? 
primary 'Szewczyk, J.W.' 4 ? 
primary 'Turner, J.M.'   5 ? 
primary 'Baird, E.E.'    6 ? 
primary 'Dervan, P.B.'   7 ? 
primary 'Rees, D.C.'     8 ? 
# 
loop_
_entity.id 
_entity.type 
_entity.src_method 
_entity.pdbx_description 
_entity.formula_weight 
_entity.pdbx_number_of_molecules 
_entity.pdbx_ec 
_entity.pdbx_mutation 
_entity.pdbx_fragment 
_entity.details 
1 polymer     syn "5'-D(*CP*CP*AP*GP*AP*TP*CP*TP*GP*G)-3'" 3045.004 2  ? ? ? ? 
2 non-polymer syn 'IMIDAZOLE-PYRROLE POLYAMIDE'            648.736  2  ? ? ? ? 
3 water       nat water                                    18.015   52 ? ? ? ? 
# 
_entity_poly.entity_id                      1 
_entity_poly.type                           polydeoxyribonucleotide 
_entity_poly.nstd_linkage                   no 
_entity_poly.nstd_monomer                   no 
_entity_poly.pdbx_seq_one_letter_code       '(DC)(DC)(DA)(DG)(DA)(DT)(DC)(DT)(DG)(DG)' 
_entity_poly.pdbx_seq_one_letter_code_can   CCAGATCTGG 
_entity_poly.pdbx_strand_id                 A,B 
_entity_poly.pdbx_target_identifier         ? 
# 
loop_
_pdbx_entity_nonpoly.entity_id 
_pdbx_entity_nonpoly.name 
_pdbx_entity_nonpoly.comp_id 
2 'IMIDAZOLE-PYRROLE POLYAMIDE' IPY 
3 water                         HOH 
# 
loop_
_entity_poly_seq.entity_id 
_entity_poly_seq.num 
_entity_poly_seq.mon_id 
_entity_poly_seq.hetero 
1 1  DC n 
1 2  DC n 
1 3  DA n 
1 4  DG n 
1 5  DA n 
1 6  DT n 
1 7  DC n 
1 8  DT n 
1 9  DG n 
1 10 DG n 
# 
loop_
_chem_comp.id 
_chem_comp.type 
_chem_comp.mon_nstd_flag 
_chem_comp.name 
_chem_comp.pdbx_synonyms 
_chem_comp.formula 
_chem_comp.formula_weight 
DA  'DNA linking' y "2'-DEOXYADENOSINE-5'-MONOPHOSPHATE" ? 'C10 H14 N5 O6 P'  331.222 
DC  'DNA linking' y "2'-DEOXYCYTIDINE-5'-MONOPHOSPHATE"  ? 'C9 H14 N3 O7 P'   307.197 
DG  'DNA linking' y "2'-DEOXYGUANOSINE-5'-MONOPHOSPHATE" ? 'C10 H14 N5 O7 P'  347.221 
DT  'DNA linking' y "THYMIDINE-5'-MONOPHOSPHATE"         ? 'C10 H15 N2 O8 P'  322.208 
HOH non-polymer   . WATER                                ? 'H2 O'             18.015  
IPY non-polymer   . 'IMIDAZOLE-PYRROLE POLYAMIDE'        
'IMIDAZOLE-PYRROLE-PYRROLE-PYRROLE-BETA ALANINE-DIMETHYLAMINO PROPYLAMIDE' 'C31 H42 N11 O5 1' 648.736 
# 
loop_
_pdbx_poly_seq_scheme.asym_id 
_pdbx_poly_seq_scheme.entity_id 
_pdbx_poly_seq_scheme.seq_id 
_pdbx_poly_seq_scheme.mon_id 
_pdbx_poly_seq_scheme.ndb_seq_num 
_pdbx_poly_seq_scheme.pdb_seq_num 
_pdbx_poly_seq_scheme.auth_seq_num 
_pdbx_poly_seq_scheme.pdb_mon_id 
_pdbx_poly_seq_scheme.auth_mon_id 
_pdbx_poly_seq_scheme.pdb_strand_id 
_pdbx_poly_seq_scheme.pdb_ins_code 
_pdbx_poly_seq_scheme.hetero 
A 1 1  DC 1  1  1  DC C A . n 
A 1 2  DC 2  2  2  DC C A . n 
A 1 3  DA 3  3  3  DA A A . n 
A 1 4  DG 4  4  4  DG G A . n 
A 1 5  DA 5  5  5  DA A A . n 
A 1 6  DT 6  6  6  DT T A . n 
A 1 7  DC 7  7  7  DC C A . n 
A 1 8  DT 8  8  8  DT T A . n 
A 1 9  DG 9  9  9  DG G A . n 
A 1 10 DG 10 10 10 DG G A . n 
B 1 1  DC 1  1  1  DC C B . n 
B 1 2  DC 2  2  2  DC C B . n 
B 1 3  DA 3  3  3  DA A B . n 
B 1 4  DG 4  4  4  DG G B . n 
B 1 5  DA 5  5  5  DA A B . n 
B 1 6  DT 6  6  6  DT T B . n 
B 1 7  DC 7  7  7  DC C B . n 
B 1 8  DT 8  8  8  DT T B . n 
B 1 9  DG 9  9  9  DG G B . n 
B 1 10 DG 10 10 10 DG G B . n 
# 
loop_
_pdbx_nonpoly_scheme.asym_id 
_pdbx_nonpoly_scheme.entity_id 
_pdbx_nonpoly_scheme.mon_id 
_pdbx_nonpoly_scheme.ndb_seq_num 
_pdbx_nonpoly_scheme.pdb_seq_num 
_pdbx_nonpoly_scheme.auth_seq_num 
_pdbx_nonpoly_scheme.pdb_mon_id 
_pdbx_nonpoly_scheme.auth_mon_id 
_pdbx_nonpoly_scheme.pdb_strand_id 
_pdbx_nonpoly_scheme.pdb_ins_code 
C 2 IPY 1  12 12 IPY IPY A . 
D 2 IPY 1  11 11 IPY IPY B . 
E 3 HOH 1  23 23 HOH HOH A . 
E 3 HOH 2  25 25 HOH HOH A . 
E 3 HOH 3  26 26 HOH HOH A . 
E 3 HOH 4  27 27 HOH HOH A . 
E 3 HOH 5  28 28 HOH HOH A . 
E 3 HOH 6  29 29 HOH HOH A . 
E 3 HOH 7  30 30 HOH HOH A . 
E 3 HOH 8  31 31 HOH HOH A . 
E 3 HOH 9  32 32 HOH HOH A . 
E 3 HOH 10 33 33 HOH HOH A . 
E 3 HOH 11 36 36 HOH HOH A . 
E 3 HOH 12 37 37 HOH HOH A . 
E 3 HOH 13 38 38 HOH HOH A . 
E 3 HOH 14 39 39 HOH HOH A . 
E 3 HOH 15 42 42 HOH HOH A . 
E 3 HOH 16 48 48 HOH HOH A . 
E 3 HOH 17 51 51 HOH HOH A . 
E 3 HOH 18 54 54 HOH HOH A . 
E 3 HOH 19 55 55 HOH HOH A . 
E 3 HOH 20 56 56 HOH HOH A . 
E 3 HOH 21 57 57 HOH HOH A . 
E 3 HOH 22 58 58 HOH HOH A . 
E 3 HOH 23 59 59 HOH HOH A . 
E 3 HOH 24 60 60 HOH HOH A . 
E 3 HOH 25 62 62 HOH HOH A . 
E 3 HOH 26 63 63 HOH HOH A . 
E 3 HOH 27 64 64 HOH HOH A . 
E 3 HOH 28 67 67 HOH HOH A . 
E 3 HOH 29 68 68 HOH HOH A . 
E 3 HOH 30 69 69 HOH HOH A . 
E 3 HOH 31 74 74 HOH HOH A . 
F 3 HOH 1  24 24 HOH HOH B . 
F 3 HOH 2  34 34 HOH HOH B . 
F 3 HOH 3  35 35 HOH HOH B . 
F 3 HOH 4  40 40 HOH HOH B . 
F 3 HOH 5  41 41 HOH HOH B . 
F 3 HOH 6  43 43 HOH HOH B . 
F 3 HOH 7  44 44 HOH HOH B . 
F 3 HOH 8  45 45 HOH HOH B . 
F 3 HOH 9  46 46 HOH HOH B . 
F 3 HOH 10 47 47 HOH HOH B . 
F 3 HOH 11 49 49 HOH HOH B . 
F 3 HOH 12 50 50 HOH HOH B . 
F 3 HOH 13 52 52 HOH HOH B . 
F 3 HOH 14 53 53 HOH HOH B . 
F 3 HOH 15 61 61 HOH HOH B . 
F 3 HOH 16 65 65 HOH HOH B . 
F 3 HOH 17 66 66 HOH HOH B . 
F 3 HOH 18 70 70 HOH HOH B . 
F 3 HOH 19 71 71 HOH HOH B . 
F 3 HOH 20 72 72 HOH HOH B . 
F 3 HOH 21 73 73 HOH HOH B . 
# 
loop_
_software.name 
_software.classification 
_software.version 
_software.citation_id 
_software.pdbx_ordinal 
AMoRE     phasing          . ? 1 
CNS       refinement       . ? 2 
DENZO     'data reduction' . ? 3 
SCALEPACK 'data scaling'   . ? 4 
# 
_cell.entry_id           1CVY 
_cell.length_a           34.493 
_cell.length_b           38.593 
_cell.length_c           47.112 
_cell.angle_alpha        90.00 
_cell.angle_beta         90.00 
_cell.angle_gamma        90.00 
_cell.Z_PDB              8 
_cell.pdbx_unique_axis   ? 
_cell.length_a_esd       ? 
_cell.length_b_esd       ? 
_cell.length_c_esd       ? 
_cell.angle_alpha_esd    ? 
_cell.angle_beta_esd     ? 
_cell.angle_gamma_esd    ? 
# 
_symmetry.entry_id                         1CVY 
_symmetry.space_group_name_H-M             'P 21 21 21' 
_symmetry.pdbx_full_space_group_name_H-M   ? 
_symmetry.cell_setting                     orthorhombic 
_symmetry.Int_Tables_number                19 
_symmetry.space_group_name_Hall            ? 
# 
_exptl.entry_id          1CVY 
_exptl.method            'X-RAY DIFFRACTION' 
_exptl.crystals_number   1 
# 
_exptl_crystal.id                    1 
_exptl_crystal.density_meas          ? 
_exptl_crystal.density_percent_sol   50.22 
_exptl_crystal.density_Matthews      2.47 
_exptl_crystal.description           ? 
_exptl_crystal.F_000                 ? 
_exptl_crystal.preparation           ? 
# 
_exptl_crystal_grow.crystal_id      1 
_exptl_crystal_grow.method          'VAPOR DIFFUSION, SITTING DROP' 
_exptl_crystal_grow.temp            277.0 
_exptl_crystal_grow.temp_details    ? 
_exptl_crystal_grow.pH              8.1 
_exptl_crystal_grow.pdbx_details    'CALCIUM ACETATE, TRIS, MPD, pH 8.1, VAPOR DIFFUSION, SITTING DROP, temperature 277.0K' 
_exptl_crystal_grow.pdbx_pH_range   ? 
# 
loop_
_exptl_crystal_grow_comp.crystal_id 
_exptl_crystal_grow_comp.id 
_exptl_crystal_grow_comp.sol_id 
_exptl_crystal_grow_comp.name 
_exptl_crystal_grow_comp.volume 
_exptl_crystal_grow_comp.conc 
_exptl_crystal_grow_comp.details 
1 1 1 'CALCIUM ACETATE' ? ? ? 
1 2 1 TRIS              ? ? ? 
1 3 1 MPD               ? ? ? 
1 4 2 MPD               ? ? ? 
# 
_diffrn.id                     1 
_diffrn.ambient_temp           103 
_diffrn.ambient_temp_details   ? 
_diffrn.crystal_id             1 
# 
_diffrn_detector.diffrn_id              1 
_diffrn_detector.detector               'IMAGE PLATE' 
_diffrn_detector.type                   'RIGAKU RAXIS IV' 
_diffrn_detector.pdbx_collection_date   ? 
_diffrn_detector.details                ? 
# 
_diffrn_radiation.diffrn_id                        1 
_diffrn_radiation.wavelength_id                    1 
_diffrn_radiation.pdbx_monochromatic_or_laue_m_l   M 
_diffrn_radiation.monochromator                    ? 
_diffrn_radiation.pdbx_diffrn_protocol             'SINGLE WAVELENGTH' 
_diffrn_radiation.pdbx_scattering_type             x-ray 
# 
_diffrn_radiation_wavelength.id           1 
_diffrn_radiation_wavelength.wavelength   1.5418 
_diffrn_radiation_wavelength.wt           1.0 
# 
_diffrn_source.diffrn_id                   1 
_diffrn_source.source                      'ROTATING ANODE' 
_diffrn_source.type                        RIGAKU 
_diffrn_source.pdbx_synchrotron_site       ? 
_diffrn_source.pdbx_synchrotron_beamline   ? 
_diffrn_source.pdbx_wavelength             1.5418 
_diffrn_source.pdbx_wavelength_list        ? 
# 
_reflns.entry_id                     1CVY 
_reflns.observed_criterion_sigma_I   0 
_reflns.observed_criterion_sigma_F   ? 
_reflns.d_resolution_low             17.0 
_reflns.d_resolution_high            2.15 
_reflns.number_obs                   3618 
_reflns.number_all                   3618 
_reflns.percent_possible_obs         97.2 
_reflns.pdbx_Rmerge_I_obs            0.0410000 
_reflns.pdbx_Rsym_value              ? 
_reflns.pdbx_netI_over_sigmaI        33.8 
_reflns.B_iso_Wilson_estimate        ? 
_reflns.pdbx_redundancy              5.9 
_reflns.R_free_details               ? 
_reflns.pdbx_chi_squared             ? 
_reflns.pdbx_scaling_rejects         ? 
_reflns.pdbx_ordinal                 1 
_reflns.pdbx_diffrn_id               1 
# 
_reflns_shell.d_res_high             2.15 
_reflns_shell.d_res_low              2.25 
_reflns_shell.percent_possible_all   94.2 
_reflns_shell.Rmerge_I_obs           0.0740000 
_reflns_shell.pdbx_Rsym_value        ? 
_reflns_shell.meanI_over_sigI_obs    ? 
_reflns_shell.pdbx_redundancy        ? 
_reflns_shell.percent_possible_obs   ? 
_reflns_shell.number_unique_all      ? 
_reflns_shell.number_measured_all    ? 
_reflns_shell.number_measured_obs    ? 
_reflns_shell.number_unique_obs      ? 
_reflns_shell.pdbx_chi_squared       ? 
_reflns_shell.pdbx_ordinal           1 
_reflns_shell.pdbx_diffrn_id         1 
# 
_refine.entry_id                                 1CVY 
_refine.ls_number_reflns_obs                     3618 
_refine.ls_number_reflns_all                     3618 
_refine.pdbx_ls_sigma_I                          0 
_refine.pdbx_ls_sigma_F                          0 
_refine.pdbx_data_cutoff_high_absF               ? 
_refine.pdbx_data_cutoff_low_absF                ? 
_refine.pdbx_data_cutoff_high_rms_absF           ? 
_refine.ls_d_res_low                             17.0 
_refine.ls_d_res_high                            2.15 
_refine.ls_percent_reflns_obs                    97.2 
_refine.ls_R_factor_obs                          0.2290000 
_refine.ls_R_factor_all                          ? 
_refine.ls_R_factor_R_work                       0.2290000 
_refine.ls_R_factor_R_free                       0.2290000 
_refine.ls_R_factor_R_free_error                 ? 
_refine.ls_R_factor_R_free_error_details         ? 
_refine.ls_percent_reflns_R_free                 5 
_refine.ls_number_reflns_R_free                  144 
_refine.ls_number_parameters                     ? 
_refine.ls_number_restraints                     ? 
_refine.occupancy_min                            ? 
_refine.occupancy_max                            ? 
_refine.B_iso_mean                               ? 
_refine.aniso_B[1][1]                            ? 
_refine.aniso_B[2][2]                            ? 
_refine.aniso_B[3][3]                            ? 
_refine.aniso_B[1][2]                            ? 
_refine.aniso_B[1][3]                            ? 
_refine.aniso_B[2][3]                            ? 
_refine.solvent_model_details                    ? 
_refine.solvent_model_param_ksol                 ? 
_refine.solvent_model_param_bsol                 ? 
_refine.pdbx_ls_cross_valid_method               THROUGHOUT 
_refine.details                                  ? 
_refine.pdbx_starting_model                      ? 
_refine.pdbx_method_to_determine_struct          ? 
_refine.pdbx_isotropic_thermal_model             ? 
_refine.pdbx_stereochemistry_target_values       ? 
_refine.pdbx_stereochem_target_val_spec_case     ? 
_refine.pdbx_R_Free_selection_details            RANDOM 
_refine.pdbx_overall_ESU_R                       ? 
_refine.pdbx_overall_ESU_R_Free                  ? 
_refine.overall_SU_ML                            ? 
_refine.overall_SU_B                             ? 
_refine.ls_redundancy_reflns_obs                 ? 
_refine.correlation_coeff_Fo_to_Fc               ? 
_refine.correlation_coeff_Fo_to_Fc_free          ? 
_refine.overall_SU_R_Cruickshank_DPI             ? 
_refine.overall_SU_R_free                        ? 
_refine.pdbx_refine_id                           'X-RAY DIFFRACTION' 
_refine.pdbx_overall_phase_error                 ? 
_refine.pdbx_solvent_vdw_probe_radii             ? 
_refine.pdbx_solvent_ion_probe_radii             ? 
_refine.pdbx_solvent_shrinkage_radii             ? 
_refine.ls_wR_factor_R_free                      ? 
_refine.ls_wR_factor_R_work                      ? 
_refine.overall_FOM_free_R_set                   ? 
_refine.overall_FOM_work_R_set                   ? 
_refine.pdbx_diffrn_id                           1 
_refine.pdbx_TLS_residual_ADP_flag               ? 
_refine.pdbx_overall_SU_R_free_Cruickshank_DPI   ? 
_refine.pdbx_overall_SU_R_Blow_DPI               ? 
_refine.pdbx_overall_SU_R_free_Blow_DPI          ? 
# 
_refine_hist.pdbx_refine_id                   'X-RAY DIFFRACTION' 
_refine_hist.cycle_id                         LAST 
_refine_hist.pdbx_number_atoms_protein        0 
_refine_hist.pdbx_number_atoms_nucleic_acid   404 
_refine_hist.pdbx_number_atoms_ligand         94 
_refine_hist.number_atoms_solvent             52 
_refine_hist.number_atoms_total               550 
_refine_hist.d_res_high                       2.15 
_refine_hist.d_res_low                        17.0 
# 
loop_
_refine_ls_restr.type 
_refine_ls_restr.dev_ideal 
_refine_ls_restr.dev_ideal_target 
_refine_ls_restr.weight 
_refine_ls_restr.number 
_refine_ls_restr.pdbx_refine_id 
_refine_ls_restr.pdbx_restraint_function 
c_bond_d                0.02 ? ? ? 'X-RAY DIFFRACTION' ? 
c_bond_d_na             ?    ? ? ? 'X-RAY DIFFRACTION' ? 
c_bond_d_prot           ?    ? ? ? 'X-RAY DIFFRACTION' ? 
c_angle_d               ?    ? ? ? 'X-RAY DIFFRACTION' ? 
c_angle_d_na            ?    ? ? ? 'X-RAY DIFFRACTION' ? 
c_angle_d_prot          ?    ? ? ? 'X-RAY DIFFRACTION' ? 
c_angle_deg             2.1  ? ? ? 'X-RAY DIFFRACTION' ? 
c_angle_deg_na          ?    ? ? ? 'X-RAY DIFFRACTION' ? 
c_angle_deg_prot        ?    ? ? ? 'X-RAY DIFFRACTION' ? 
c_dihedral_angle_d      ?    ? ? ? 'X-RAY DIFFRACTION' ? 
c_dihedral_angle_d_na   ?    ? ? ? 'X-RAY DIFFRACTION' ? 
c_dihedral_angle_d_prot ?    ? ? ? 'X-RAY DIFFRACTION' ? 
c_improper_angle_d      ?    ? ? ? 'X-RAY DIFFRACTION' ? 
c_improper_angle_d_na   ?    ? ? ? 'X-RAY DIFFRACTION' ? 
c_improper_angle_d_prot ?    ? ? ? 'X-RAY DIFFRACTION' ? 
c_mcbond_it             ?    ? ? ? 'X-RAY DIFFRACTION' ? 
c_mcangle_it            ?    ? ? ? 'X-RAY DIFFRACTION' ? 
c_scbond_it             ?    ? ? ? 'X-RAY DIFFRACTION' ? 
c_scangle_it            ?    ? ? ? 'X-RAY DIFFRACTION' ? 
# 
_struct.entry_id                  1CVY 
_struct.title                     'CRYSTAL STRUCTURE OF POLYAMIDE DIMER (IMPYPYPYBETADP)2 BOUND TO CCAGATCTGG' 
_struct.pdbx_model_details        ? 
_struct.pdbx_CASP_flag            ? 
_struct.pdbx_model_type_details   ? 
# 
_struct_keywords.entry_id        1CVY 
_struct_keywords.pdbx_keywords   DNA 
_struct_keywords.text            'IMIDAZOLE-PYRROLE POLYAMIDE, DOUBLE DRUG IN MINOR GROOVE, MINOR GROOVE RECOGNITION, DNA' 
# 
loop_
_struct_asym.id 
_struct_asym.pdbx_blank_PDB_chainid_flag 
_struct_asym.pdbx_modified 
_struct_asym.entity_id 
_struct_asym.details 
A N N 1 ? 
B N N 1 ? 
C N N 2 ? 
D N N 2 ? 
E N N 3 ? 
F N N 3 ? 
# 
_struct_ref.id                         1 
_struct_ref.entity_id                  1 
_struct_ref.db_name                    PDB 
_struct_ref.db_code                    1CVY 
_struct_ref.pdbx_db_accession          1CVY 
_struct_ref.pdbx_align_begin           ? 
_struct_ref.pdbx_seq_one_letter_code   ? 
_struct_ref.pdbx_db_isoform            ? 
# 
loop_
_struct_ref_seq.align_id 
_struct_ref_seq.ref_id 
_struct_ref_seq.pdbx_PDB_id_code 
_struct_ref_seq.pdbx_strand_id 
_struct_ref_seq.seq_align_beg 
_struct_ref_seq.pdbx_seq_align_beg_ins_code 
_struct_ref_seq.seq_align_end 
_struct_ref_seq.pdbx_seq_align_end_ins_code 
_struct_ref_seq.pdbx_db_accession 
_struct_ref_seq.db_align_beg 
_struct_ref_seq.pdbx_db_align_beg_ins_code 
_struct_ref_seq.db_align_end 
_struct_ref_seq.pdbx_db_align_end_ins_code 
_struct_ref_seq.pdbx_auth_seq_align_beg 
_struct_ref_seq.pdbx_auth_seq_align_end 
1 1 1CVY A 1 ? 10 ? 1CVY 1 ? 10 ? 1 10 
2 1 1CVY B 1 ? 10 ? 1CVY 1 ? 10 ? 1 10 
# 
_pdbx_struct_assembly.id                   1 
_pdbx_struct_assembly.details              author_defined_assembly 
_pdbx_struct_assembly.method_details       ? 
_pdbx_struct_assembly.oligomeric_details   dimeric 
_pdbx_struct_assembly.oligomeric_count     2 
# 
_pdbx_struct_assembly_gen.assembly_id       1 
_pdbx_struct_assembly_gen.oper_expression   1 
_pdbx_struct_assembly_gen.asym_id_list      A,B,C,D,E,F 
# 
_pdbx_struct_oper_list.id                   1 
_pdbx_struct_oper_list.type                 'identity operation' 
_pdbx_struct_oper_list.name                 1_555 
_pdbx_struct_oper_list.symmetry_operation   x,y,z 
_pdbx_struct_oper_list.matrix[1][1]         1.0000000000 
_pdbx_struct_oper_list.matrix[1][2]         0.0000000000 
_pdbx_struct_oper_list.matrix[1][3]         0.0000000000 
_pdbx_struct_oper_list.vector[1]            0.0000000000 
_pdbx_struct_oper_list.matrix[2][1]         0.0000000000 
_pdbx_struct_oper_list.matrix[2][2]         1.0000000000 
_pdbx_struct_oper_list.matrix[2][3]         0.0000000000 
_pdbx_struct_oper_list.vector[2]            0.0000000000 
_pdbx_struct_oper_list.matrix[3][1]         0.0000000000 
_pdbx_struct_oper_list.matrix[3][2]         0.0000000000 
_pdbx_struct_oper_list.matrix[3][3]         1.0000000000 
_pdbx_struct_oper_list.vector[3]            0.0000000000 
# 
_struct_biol.id                    1 
_struct_biol.pdbx_parent_biol_id   ? 
_struct_biol.details               ? 
# 
loop_
_struct_conn.id 
_struct_conn.conn_type_id 
_struct_conn.pdbx_leaving_atom_flag 
_struct_conn.pdbx_PDB_id 
_struct_conn.ptnr1_label_asym_id 
_struct_conn.ptnr1_label_comp_id 
_struct_conn.ptnr1_label_seq_id 
_struct_conn.ptnr1_label_atom_id 
_struct_conn.pdbx_ptnr1_label_alt_id 
_struct_conn.pdbx_ptnr1_PDB_ins_code 
_struct_conn.pdbx_ptnr1_standard_comp_id 
_struct_conn.ptnr1_symmetry 
_struct_conn.ptnr2_label_asym_id 
_struct_conn.ptnr2_label_comp_id 
_struct_conn.ptnr2_label_seq_id 
_struct_conn.ptnr2_label_atom_id 
_struct_conn.pdbx_ptnr2_label_alt_id 
_struct_conn.pdbx_ptnr2_PDB_ins_code 
_struct_conn.ptnr1_auth_asym_id 
_struct_conn.ptnr1_auth_comp_id 
_struct_conn.ptnr1_auth_seq_id 
_struct_conn.ptnr2_auth_asym_id 
_struct_conn.ptnr2_auth_comp_id 
_struct_conn.ptnr2_auth_seq_id 
_struct_conn.ptnr2_symmetry 
_struct_conn.pdbx_ptnr3_label_atom_id 
_struct_conn.pdbx_ptnr3_label_seq_id 
_struct_conn.pdbx_ptnr3_label_comp_id 
_struct_conn.pdbx_ptnr3_label_asym_id 
_struct_conn.pdbx_ptnr3_label_alt_id 
_struct_conn.pdbx_ptnr3_PDB_ins_code 
_struct_conn.details 
_struct_conn.pdbx_dist_value 
_struct_conn.pdbx_value_order 
_struct_conn.pdbx_role 
hydrog1  hydrog ? ? A DC 1  N3 ? ? ? 1_555 B DG 10 N1 ? ? A DC 1  B DG 10 1_555 ? ? ? ? ? ? WATSON-CRICK ? ? ? 
hydrog2  hydrog ? ? A DC 1  N4 ? ? ? 1_555 B DG 10 O6 ? ? A DC 1  B DG 10 1_555 ? ? ? ? ? ? WATSON-CRICK ? ? ? 
hydrog3  hydrog ? ? A DC 1  O2 ? ? ? 1_555 B DG 10 N2 ? ? A DC 1  B DG 10 1_555 ? ? ? ? ? ? WATSON-CRICK ? ? ? 
hydrog4  hydrog ? ? A DC 2  N3 ? ? ? 1_555 B DG 9  N1 ? ? A DC 2  B DG 9  1_555 ? ? ? ? ? ? WATSON-CRICK ? ? ? 
hydrog5  hydrog ? ? A DC 2  N4 ? ? ? 1_555 B DG 9  O6 ? ? A DC 2  B DG 9  1_555 ? ? ? ? ? ? WATSON-CRICK ? ? ? 
hydrog6  hydrog ? ? A DC 2  O2 ? ? ? 1_555 B DG 9  N2 ? ? A DC 2  B DG 9  1_555 ? ? ? ? ? ? WATSON-CRICK ? ? ? 
hydrog7  hydrog ? ? A DA 3  N1 ? ? ? 1_555 B DT 8  N3 ? ? A DA 3  B DT 8  1_555 ? ? ? ? ? ? WATSON-CRICK ? ? ? 
hydrog8  hydrog ? ? A DA 3  N6 ? ? ? 1_555 B DT 8  O4 ? ? A DA 3  B DT 8  1_555 ? ? ? ? ? ? WATSON-CRICK ? ? ? 
hydrog9  hydrog ? ? A DG 4  N1 ? ? ? 1_555 B DC 7  N3 ? ? A DG 4  B DC 7  1_555 ? ? ? ? ? ? WATSON-CRICK ? ? ? 
hydrog10 hydrog ? ? A DG 4  N2 ? ? ? 1_555 B DC 7  O2 ? ? A DG 4  B DC 7  1_555 ? ? ? ? ? ? WATSON-CRICK ? ? ? 
hydrog11 hydrog ? ? A DG 4  O6 ? ? ? 1_555 B DC 7  N4 ? ? A DG 4  B DC 7  1_555 ? ? ? ? ? ? WATSON-CRICK ? ? ? 
hydrog12 hydrog ? ? A DA 5  N1 ? ? ? 1_555 B DT 6  N3 ? ? A DA 5  B DT 6  1_555 ? ? ? ? ? ? WATSON-CRICK ? ? ? 
hydrog13 hydrog ? ? A DA 5  N6 ? ? ? 1_555 B DT 6  O4 ? ? A DA 5  B DT 6  1_555 ? ? ? ? ? ? WATSON-CRICK ? ? ? 
hydrog14 hydrog ? ? A DT 6  N3 ? ? ? 1_555 B DA 5  N1 ? ? A DT 6  B DA 5  1_555 ? ? ? ? ? ? WATSON-CRICK ? ? ? 
hydrog15 hydrog ? ? A DT 6  O4 ? ? ? 1_555 B DA 5  N6 ? ? A DT 6  B DA 5  1_555 ? ? ? ? ? ? WATSON-CRICK ? ? ? 
hydrog16 hydrog ? ? A DC 7  N3 ? ? ? 1_555 B DG 4  N1 ? ? A DC 7  B DG 4  1_555 ? ? ? ? ? ? WATSON-CRICK ? ? ? 
hydrog17 hydrog ? ? A DC 7  N4 ? ? ? 1_555 B DG 4  O6 ? ? A DC 7  B DG 4  1_555 ? ? ? ? ? ? WATSON-CRICK ? ? ? 
hydrog18 hydrog ? ? A DC 7  O2 ? ? ? 1_555 B DG 4  N2 ? ? A DC 7  B DG 4  1_555 ? ? ? ? ? ? WATSON-CRICK ? ? ? 
hydrog19 hydrog ? ? A DT 8  N3 ? ? ? 1_555 B DA 3  N1 ? ? A DT 8  B DA 3  1_555 ? ? ? ? ? ? WATSON-CRICK ? ? ? 
hydrog20 hydrog ? ? A DT 8  O4 ? ? ? 1_555 B DA 3  N6 ? ? A DT 8  B DA 3  1_555 ? ? ? ? ? ? WATSON-CRICK ? ? ? 
hydrog21 hydrog ? ? A DG 9  N1 ? ? ? 1_555 B DC 2  N3 ? ? A DG 9  B DC 2  1_555 ? ? ? ? ? ? WATSON-CRICK ? ? ? 
hydrog22 hydrog ? ? A DG 9  N2 ? ? ? 1_555 B DC 2  O2 ? ? A DG 9  B DC 2  1_555 ? ? ? ? ? ? WATSON-CRICK ? ? ? 
hydrog23 hydrog ? ? A DG 9  O6 ? ? ? 1_555 B DC 2  N4 ? ? A DG 9  B DC 2  1_555 ? ? ? ? ? ? WATSON-CRICK ? ? ? 
hydrog24 hydrog ? ? A DG 10 N1 ? ? ? 1_555 B DC 1  N3 ? ? A DG 10 B DC 1  1_555 ? ? ? ? ? ? WATSON-CRICK ? ? ? 
hydrog25 hydrog ? ? A DG 10 N2 ? ? ? 1_555 B DC 1  O2 ? ? A DG 10 B DC 1  1_555 ? ? ? ? ? ? WATSON-CRICK ? ? ? 
hydrog26 hydrog ? ? A DG 10 O6 ? ? ? 1_555 B DC 1  N4 ? ? A DG 10 B DC 1  1_555 ? ? ? ? ? ? WATSON-CRICK ? ? ? 
# 
_struct_conn_type.id          hydrog 
_struct_conn_type.criteria    ? 
_struct_conn_type.reference   ? 
# 
loop_
_struct_site.id 
_struct_site.pdbx_evidence_code 
_struct_site.pdbx_auth_asym_id 
_struct_site.pdbx_auth_comp_id 
_struct_site.pdbx_auth_seq_id 
_struct_site.pdbx_auth_ins_code 
_struct_site.pdbx_num_residues 
_struct_site.details 
AC1 Software B IPY 11 ? 14 'BINDING SITE FOR RESIDUE IPY B 11' 
AC2 Software A IPY 12 ? 15 'BINDING SITE FOR RESIDUE IPY A 12' 
1   ?        ? ?   ?  ? ?  ?                                   
# 
loop_
_struct_site_gen.id 
_struct_site_gen.site_id 
_struct_site_gen.pdbx_num_res 
_struct_site_gen.label_comp_id 
_struct_site_gen.label_asym_id 
_struct_site_gen.label_seq_id 
_struct_site_gen.pdbx_auth_ins_code 
_struct_site_gen.auth_comp_id 
_struct_site_gen.auth_asym_id 
_struct_site_gen.auth_seq_id 
_struct_site_gen.label_atom_id 
_struct_site_gen.label_alt_id 
_struct_site_gen.symmetry 
_struct_site_gen.details 
1  AC1 14 DG  A 4 ? DG  A 4  . ? 1_555 ? 
2  AC1 14 DT  A 6 ? DT  A 6  . ? 4_565 ? 
3  AC1 14 IPY C . ? IPY A 12 . ? 1_555 ? 
4  AC1 14 HOH E . ? HOH A 54 . ? 1_555 ? 
5  AC1 14 HOH E . ? HOH A 59 . ? 2_574 ? 
6  AC1 14 DG  B 4 ? DG  B 4  . ? 1_555 ? 
7  AC1 14 DA  B 5 ? DA  B 5  . ? 1_555 ? 
8  AC1 14 DT  B 6 ? DT  B 6  . ? 1_555 ? 
9  AC1 14 DC  B 7 ? DC  B 7  . ? 1_555 ? 
10 AC1 14 DT  B 8 ? DT  B 8  . ? 1_555 ? 
11 AC1 14 DG  B 9 ? DG  B 9  . ? 1_555 ? 
12 AC1 14 HOH F . ? HOH B 41 . ? 1_655 ? 
13 AC1 14 HOH F . ? HOH B 52 . ? 1_555 ? 
14 AC1 14 HOH F . ? HOH B 53 . ? 1_555 ? 
15 AC2 15 DG  A 4 ? DG  A 4  . ? 1_555 ? 
16 AC2 15 DA  A 5 ? DA  A 5  . ? 1_555 ? 
17 AC2 15 DT  A 6 ? DT  A 6  . ? 1_555 ? 
18 AC2 15 DC  A 7 ? DC  A 7  . ? 1_555 ? 
19 AC2 15 DT  A 8 ? DT  A 8  . ? 1_555 ? 
20 AC2 15 DG  A 9 ? DG  A 9  . ? 1_555 ? 
21 AC2 15 HOH E . ? HOH A 28 . ? 1_555 ? 
22 AC2 15 HOH E . ? HOH A 54 . ? 1_555 ? 
23 AC2 15 HOH E . ? HOH A 63 . ? 1_555 ? 
24 AC2 15 HOH E . ? HOH A 64 . ? 1_555 ? 
25 AC2 15 HOH E . ? HOH A 67 . ? 1_555 ? 
26 AC2 15 DG  B 4 ? DG  B 4  . ? 1_555 ? 
27 AC2 15 DT  B 6 ? DT  B 6  . ? 4_475 ? 
28 AC2 15 IPY D . ? IPY B 11 . ? 1_555 ? 
29 AC2 15 HOH F . ? HOH B 53 . ? 1_555 ? 
# 
loop_
_pdbx_validate_close_contact.id 
_pdbx_validate_close_contact.PDB_model_num 
_pdbx_validate_close_contact.auth_atom_id_1 
_pdbx_validate_close_contact.auth_asym_id_1 
_pdbx_validate_close_contact.auth_comp_id_1 
_pdbx_validate_close_contact.auth_seq_id_1 
_pdbx_validate_close_contact.PDB_ins_code_1 
_pdbx_validate_close_contact.label_alt_id_1 
_pdbx_validate_close_contact.auth_atom_id_2 
_pdbx_validate_close_contact.auth_asym_id_2 
_pdbx_validate_close_contact.auth_comp_id_2 
_pdbx_validate_close_contact.auth_seq_id_2 
_pdbx_validate_close_contact.PDB_ins_code_2 
_pdbx_validate_close_contact.label_alt_id_2 
_pdbx_validate_close_contact.dist 
1 1 O  A HOH 25 ? ? O A HOH 69 ? ? 2.08 
2 1 N3 A DG  10 ? ? O A HOH 67 ? ? 2.12 
3 1 O  A HOH 25 ? ? O A HOH 68 ? ? 2.13 
# 
loop_
_pdbx_validate_rmsd_bond.id 
_pdbx_validate_rmsd_bond.PDB_model_num 
_pdbx_validate_rmsd_bond.auth_atom_id_1 
_pdbx_validate_rmsd_bond.auth_asym_id_1 
_pdbx_validate_rmsd_bond.auth_comp_id_1 
_pdbx_validate_rmsd_bond.auth_seq_id_1 
_pdbx_validate_rmsd_bond.PDB_ins_code_1 
_pdbx_validate_rmsd_bond.label_alt_id_1 
_pdbx_validate_rmsd_bond.auth_atom_id_2 
_pdbx_validate_rmsd_bond.auth_asym_id_2 
_pdbx_validate_rmsd_bond.auth_comp_id_2 
_pdbx_validate_rmsd_bond.auth_seq_id_2 
_pdbx_validate_rmsd_bond.PDB_ins_code_2 
_pdbx_validate_rmsd_bond.label_alt_id_2 
_pdbx_validate_rmsd_bond.bond_value 
_pdbx_validate_rmsd_bond.bond_target_value 
_pdbx_validate_rmsd_bond.bond_deviation 
_pdbx_validate_rmsd_bond.bond_standard_deviation 
_pdbx_validate_rmsd_bond.linker_flag 
1 1 N9    A DA 3 ? ? C4    A DA 3 ? ? 1.410 1.374 0.036  0.006 N 
2 1 N3    A DC 7 ? ? C4    A DC 7 ? ? 1.292 1.335 -0.043 0.007 N 
3 1 "O3'" A DG 9 ? ? "C3'" A DG 9 ? ? 1.372 1.419 -0.047 0.006 N 
# 
loop_
_pdbx_validate_rmsd_angle.id 
_pdbx_validate_rmsd_angle.PDB_model_num 
_pdbx_validate_rmsd_angle.auth_atom_id_1 
_pdbx_validate_rmsd_angle.auth_asym_id_1 
_pdbx_validate_rmsd_angle.auth_comp_id_1 
_pdbx_validate_rmsd_angle.auth_seq_id_1 
_pdbx_validate_rmsd_angle.PDB_ins_code_1 
_pdbx_validate_rmsd_angle.label_alt_id_1 
_pdbx_validate_rmsd_angle.auth_atom_id_2 
_pdbx_validate_rmsd_angle.auth_asym_id_2 
_pdbx_validate_rmsd_angle.auth_comp_id_2 
_pdbx_validate_rmsd_angle.auth_seq_id_2 
_pdbx_validate_rmsd_angle.PDB_ins_code_2 
_pdbx_validate_rmsd_angle.label_alt_id_2 
_pdbx_validate_rmsd_angle.auth_atom_id_3 
_pdbx_validate_rmsd_angle.auth_asym_id_3 
_pdbx_validate_rmsd_angle.auth_comp_id_3 
_pdbx_validate_rmsd_angle.auth_seq_id_3 
_pdbx_validate_rmsd_angle.PDB_ins_code_3 
_pdbx_validate_rmsd_angle.label_alt_id_3 
_pdbx_validate_rmsd_angle.angle_value 
_pdbx_validate_rmsd_angle.angle_target_value 
_pdbx_validate_rmsd_angle.angle_deviation 
_pdbx_validate_rmsd_angle.angle_standard_deviation 
_pdbx_validate_rmsd_angle.linker_flag 
1 1 "O4'" A DC 2  ? ? "C1'" A DC 2  ? ? N1    A DC 2  ? ? 110.51 108.30 2.21  0.30 N 
2 1 "C3'" A DG 10 ? ? "C2'" A DG 10 ? ? "C1'" A DG 10 ? ? 97.57  102.40 -4.83 0.80 N 
3 1 "O4'" B DC 2  ? ? "C1'" B DC 2  ? ? N1    B DC 2  ? ? 112.19 108.30 3.89  0.30 N 
4 1 "O3'" B DT 6  ? ? P     B DC 7  ? ? OP1   B DC 7  ? ? 117.36 110.50 6.86  1.10 Y 
# 
loop_
_pdbx_validate_planes.id 
_pdbx_validate_planes.PDB_model_num 
_pdbx_validate_planes.auth_comp_id 
_pdbx_validate_planes.auth_asym_id 
_pdbx_validate_planes.auth_seq_id 
_pdbx_validate_planes.PDB_ins_code 
_pdbx_validate_planes.label_alt_id 
_pdbx_validate_planes.rmsd 
_pdbx_validate_planes.type 
1 1 DA A 5 ? ? 0.080 'SIDE CHAIN' 
2 1 DA B 5 ? ? 0.076 'SIDE CHAIN' 
# 
_struct_site_keywords.site_id   1 
_struct_site_keywords.text      'MINOR GROOVE BINDER' 
# 
loop_
_chem_comp_atom.comp_id 
_chem_comp_atom.atom_id 
_chem_comp_atom.type_symbol 
_chem_comp_atom.pdbx_aromatic_flag 
_chem_comp_atom.pdbx_stereo_config 
_chem_comp_atom.pdbx_ordinal 
DA  OP3    O N N 1   
DA  P      P N N 2   
DA  OP1    O N N 3   
DA  OP2    O N N 4   
DA  "O5'"  O N N 5   
DA  "C5'"  C N N 6   
DA  "C4'"  C N R 7   
DA  "O4'"  O N N 8   
DA  "C3'"  C N S 9   
DA  "O3'"  O N N 10  
DA  "C2'"  C N N 11  
DA  "C1'"  C N R 12  
DA  N9     N Y N 13  
DA  C8     C Y N 14  
DA  N7     N Y N 15  
DA  C5     C Y N 16  
DA  C6     C Y N 17  
DA  N6     N N N 18  
DA  N1     N Y N 19  
DA  C2     C Y N 20  
DA  N3     N Y N 21  
DA  C4     C Y N 22  
DA  HOP3   H N N 23  
DA  HOP2   H N N 24  
DA  "H5'"  H N N 25  
DA  "H5''" H N N 26  
DA  "H4'"  H N N 27  
DA  "H3'"  H N N 28  
DA  "HO3'" H N N 29  
DA  "H2'"  H N N 30  
DA  "H2''" H N N 31  
DA  "H1'"  H N N 32  
DA  H8     H N N 33  
DA  H61    H N N 34  
DA  H62    H N N 35  
DA  H2     H N N 36  
DC  OP3    O N N 37  
DC  P      P N N 38  
DC  OP1    O N N 39  
DC  OP2    O N N 40  
DC  "O5'"  O N N 41  
DC  "C5'"  C N N 42  
DC  "C4'"  C N R 43  
DC  "O4'"  O N N 44  
DC  "C3'"  C N S 45  
DC  "O3'"  O N N 46  
DC  "C2'"  C N N 47  
DC  "C1'"  C N R 48  
DC  N1     N N N 49  
DC  C2     C N N 50  
DC  O2     O N N 51  
DC  N3     N N N 52  
DC  C4     C N N 53  
DC  N4     N N N 54  
DC  C5     C N N 55  
DC  C6     C N N 56  
DC  HOP3   H N N 57  
DC  HOP2   H N N 58  
DC  "H5'"  H N N 59  
DC  "H5''" H N N 60  
DC  "H4'"  H N N 61  
DC  "H3'"  H N N 62  
DC  "HO3'" H N N 63  
DC  "H2'"  H N N 64  
DC  "H2''" H N N 65  
DC  "H1'"  H N N 66  
DC  H41    H N N 67  
DC  H42    H N N 68  
DC  H5     H N N 69  
DC  H6     H N N 70  
DG  OP3    O N N 71  
DG  P      P N N 72  
DG  OP1    O N N 73  
DG  OP2    O N N 74  
DG  "O5'"  O N N 75  
DG  "C5'"  C N N 76  
DG  "C4'"  C N R 77  
DG  "O4'"  O N N 78  
DG  "C3'"  C N S 79  
DG  "O3'"  O N N 80  
DG  "C2'"  C N N 81  
DG  "C1'"  C N R 82  
DG  N9     N Y N 83  
DG  C8     C Y N 84  
DG  N7     N Y N 85  
DG  C5     C Y N 86  
DG  C6     C N N 87  
DG  O6     O N N 88  
DG  N1     N N N 89  
DG  C2     C N N 90  
DG  N2     N N N 91  
DG  N3     N N N 92  
DG  C4     C Y N 93  
DG  HOP3   H N N 94  
DG  HOP2   H N N 95  
DG  "H5'"  H N N 96  
DG  "H5''" H N N 97  
DG  "H4'"  H N N 98  
DG  "H3'"  H N N 99  
DG  "HO3'" H N N 100 
DG  "H2'"  H N N 101 
DG  "H2''" H N N 102 
DG  "H1'"  H N N 103 
DG  H8     H N N 104 
DG  H1     H N N 105 
DG  H21    H N N 106 
DG  H22    H N N 107 
DT  OP3    O N N 108 
DT  P      P N N 109 
DT  OP1    O N N 110 
DT  OP2    O N N 111 
DT  "O5'"  O N N 112 
DT  "C5'"  C N N 113 
DT  "C4'"  C N R 114 
DT  "O4'"  O N N 115 
DT  "C3'"  C N S 116 
DT  "O3'"  O N N 117 
DT  "C2'"  C N N 118 
DT  "C1'"  C N R 119 
DT  N1     N N N 120 
DT  C2     C N N 121 
DT  O2     O N N 122 
DT  N3     N N N 123 
DT  C4     C N N 124 
DT  O4     O N N 125 
DT  C5     C N N 126 
DT  C7     C N N 127 
DT  C6     C N N 128 
DT  HOP3   H N N 129 
DT  HOP2   H N N 130 
DT  "H5'"  H N N 131 
DT  "H5''" H N N 132 
DT  "H4'"  H N N 133 
DT  "H3'"  H N N 134 
DT  "HO3'" H N N 135 
DT  "H2'"  H N N 136 
DT  "H2''" H N N 137 
DT  "H1'"  H N N 138 
DT  H3     H N N 139 
DT  H71    H N N 140 
DT  H72    H N N 141 
DT  H73    H N N 142 
DT  H6     H N N 143 
HOH O      O N N 144 
HOH H1     H N N 145 
HOH H2     H N N 146 
IPY C      C Y N 147 
IPY C1     C Y N 148 
IPY C2     C Y N 149 
IPY C3     C N N 150 
IPY C4     C Y N 151 
IPY C5     C N N 152 
IPY C6     C Y N 153 
IPY C8     C Y N 154 
IPY C9     C N N 155 
IPY C10    C Y N 156 
IPY C11    C N N 157 
IPY C12    C Y N 158 
IPY C13    C Y N 159 
IPY C14    C Y N 160 
IPY C15    C N N 161 
IPY C16    C Y N 162 
IPY C18    C N N 163 
IPY C19    C N N 164 
IPY C20    C N N 165 
IPY C21    C N N 166 
IPY C22    C N N 167 
IPY C23    C N N 168 
IPY C24    C N N 169 
IPY C25    C Y N 170 
IPY C26    C Y N 171 
IPY C27    C Y N 172 
IPY C28    C N N 173 
IPY C29    C N N 174 
IPY C30    C N N 175 
IPY C31    C N N 176 
IPY C32    C Y N 177 
IPY O1     O N N 178 
IPY O2     O N N 179 
IPY O3     O N N 180 
IPY O4     O N N 181 
IPY O5     O N N 182 
IPY N      N Y N 183 
IPY N1     N N N 184 
IPY N3     N Y N 185 
IPY N4     N N N 186 
IPY N5     N Y N 187 
IPY N6     N N N 188 
IPY N7     N N N 189 
IPY N8     N N N 190 
IPY N9     N Y N 191 
IPY N10    N Y N 192 
IPY N11    N N N 193 
IPY H1     H N N 194 
IPY H2     H N N 195 
IPY H31    H N N 196 
IPY H32A   H N N 197 
IPY H33    H N N 198 
IPY H8     H N N 199 
IPY H91    H N N 200 
IPY H92    H N N 201 
IPY H93    H N N 202 
IPY H13    H N N 203 
IPY H14    H N N 204 
IPY H151   H N N 205 
IPY H152   H N N 206 
IPY H153   H N N 207 
IPY H181   H N N 208 
IPY H182   H N N 209 
IPY H191   H N N 210 
IPY H192   H N N 211 
IPY H201   H N N 212 
IPY H202   H N N 213 
IPY H211   H N N 214 
IPY H212   H N N 215 
IPY H213   H N N 216 
IPY H221   H N N 217 
IPY H222   H N N 218 
IPY H223   H N N 219 
IPY H26    H N N 220 
IPY H27    H N N 221 
IPY H281   H N N 222 
IPY H282   H N N 223 
IPY H283   H N N 224 
IPY H291   H N N 225 
IPY H292   H N N 226 
IPY H301   H N N 227 
IPY H302   H N N 228 
IPY H32    H N N 229 
IPY HN1    H N N 230 
IPY HN4    H N N 231 
IPY HN6    H N N 232 
IPY HN7    H N N 233 
IPY HN8    H N N 234 
IPY H11    H N N 235 
# 
loop_
_chem_comp_bond.comp_id 
_chem_comp_bond.atom_id_1 
_chem_comp_bond.atom_id_2 
_chem_comp_bond.value_order 
_chem_comp_bond.pdbx_aromatic_flag 
_chem_comp_bond.pdbx_stereo_config 
_chem_comp_bond.pdbx_ordinal 
DA  OP3   P      sing N N 1   
DA  OP3   HOP3   sing N N 2   
DA  P     OP1    doub N N 3   
DA  P     OP2    sing N N 4   
DA  P     "O5'"  sing N N 5   
DA  OP2   HOP2   sing N N 6   
DA  "O5'" "C5'"  sing N N 7   
DA  "C5'" "C4'"  sing N N 8   
DA  "C5'" "H5'"  sing N N 9   
DA  "C5'" "H5''" sing N N 10  
DA  "C4'" "O4'"  sing N N 11  
DA  "C4'" "C3'"  sing N N 12  
DA  "C4'" "H4'"  sing N N 13  
DA  "O4'" "C1'"  sing N N 14  
DA  "C3'" "O3'"  sing N N 15  
DA  "C3'" "C2'"  sing N N 16  
DA  "C3'" "H3'"  sing N N 17  
DA  "O3'" "HO3'" sing N N 18  
DA  "C2'" "C1'"  sing N N 19  
DA  "C2'" "H2'"  sing N N 20  
DA  "C2'" "H2''" sing N N 21  
DA  "C1'" N9     sing N N 22  
DA  "C1'" "H1'"  sing N N 23  
DA  N9    C8     sing Y N 24  
DA  N9    C4     sing Y N 25  
DA  C8    N7     doub Y N 26  
DA  C8    H8     sing N N 27  
DA  N7    C5     sing Y N 28  
DA  C5    C6     sing Y N 29  
DA  C5    C4     doub Y N 30  
DA  C6    N6     sing N N 31  
DA  C6    N1     doub Y N 32  
DA  N6    H61    sing N N 33  
DA  N6    H62    sing N N 34  
DA  N1    C2     sing Y N 35  
DA  C2    N3     doub Y N 36  
DA  C2    H2     sing N N 37  
DA  N3    C4     sing Y N 38  
DC  OP3   P      sing N N 39  
DC  OP3   HOP3   sing N N 40  
DC  P     OP1    doub N N 41  
DC  P     OP2    sing N N 42  
DC  P     "O5'"  sing N N 43  
DC  OP2   HOP2   sing N N 44  
DC  "O5'" "C5'"  sing N N 45  
DC  "C5'" "C4'"  sing N N 46  
DC  "C5'" "H5'"  sing N N 47  
DC  "C5'" "H5''" sing N N 48  
DC  "C4'" "O4'"  sing N N 49  
DC  "C4'" "C3'"  sing N N 50  
DC  "C4'" "H4'"  sing N N 51  
DC  "O4'" "C1'"  sing N N 52  
DC  "C3'" "O3'"  sing N N 53  
DC  "C3'" "C2'"  sing N N 54  
DC  "C3'" "H3'"  sing N N 55  
DC  "O3'" "HO3'" sing N N 56  
DC  "C2'" "C1'"  sing N N 57  
DC  "C2'" "H2'"  sing N N 58  
DC  "C2'" "H2''" sing N N 59  
DC  "C1'" N1     sing N N 60  
DC  "C1'" "H1'"  sing N N 61  
DC  N1    C2     sing N N 62  
DC  N1    C6     sing N N 63  
DC  C2    O2     doub N N 64  
DC  C2    N3     sing N N 65  
DC  N3    C4     doub N N 66  
DC  C4    N4     sing N N 67  
DC  C4    C5     sing N N 68  
DC  N4    H41    sing N N 69  
DC  N4    H42    sing N N 70  
DC  C5    C6     doub N N 71  
DC  C5    H5     sing N N 72  
DC  C6    H6     sing N N 73  
DG  OP3   P      sing N N 74  
DG  OP3   HOP3   sing N N 75  
DG  P     OP1    doub N N 76  
DG  P     OP2    sing N N 77  
DG  P     "O5'"  sing N N 78  
DG  OP2   HOP2   sing N N 79  
DG  "O5'" "C5'"  sing N N 80  
DG  "C5'" "C4'"  sing N N 81  
DG  "C5'" "H5'"  sing N N 82  
DG  "C5'" "H5''" sing N N 83  
DG  "C4'" "O4'"  sing N N 84  
DG  "C4'" "C3'"  sing N N 85  
DG  "C4'" "H4'"  sing N N 86  
DG  "O4'" "C1'"  sing N N 87  
DG  "C3'" "O3'"  sing N N 88  
DG  "C3'" "C2'"  sing N N 89  
DG  "C3'" "H3'"  sing N N 90  
DG  "O3'" "HO3'" sing N N 91  
DG  "C2'" "C1'"  sing N N 92  
DG  "C2'" "H2'"  sing N N 93  
DG  "C2'" "H2''" sing N N 94  
DG  "C1'" N9     sing N N 95  
DG  "C1'" "H1'"  sing N N 96  
DG  N9    C8     sing Y N 97  
DG  N9    C4     sing Y N 98  
DG  C8    N7     doub Y N 99  
DG  C8    H8     sing N N 100 
DG  N7    C5     sing Y N 101 
DG  C5    C6     sing N N 102 
DG  C5    C4     doub Y N 103 
DG  C6    O6     doub N N 104 
DG  C6    N1     sing N N 105 
DG  N1    C2     sing N N 106 
DG  N1    H1     sing N N 107 
DG  C2    N2     sing N N 108 
DG  C2    N3     doub N N 109 
DG  N2    H21    sing N N 110 
DG  N2    H22    sing N N 111 
DG  N3    C4     sing N N 112 
DT  OP3   P      sing N N 113 
DT  OP3   HOP3   sing N N 114 
DT  P     OP1    doub N N 115 
DT  P     OP2    sing N N 116 
DT  P     "O5'"  sing N N 117 
DT  OP2   HOP2   sing N N 118 
DT  "O5'" "C5'"  sing N N 119 
DT  "C5'" "C4'"  sing N N 120 
DT  "C5'" "H5'"  sing N N 121 
DT  "C5'" "H5''" sing N N 122 
DT  "C4'" "O4'"  sing N N 123 
DT  "C4'" "C3'"  sing N N 124 
DT  "C4'" "H4'"  sing N N 125 
DT  "O4'" "C1'"  sing N N 126 
DT  "C3'" "O3'"  sing N N 127 
DT  "C3'" "C2'"  sing N N 128 
DT  "C3'" "H3'"  sing N N 129 
DT  "O3'" "HO3'" sing N N 130 
DT  "C2'" "C1'"  sing N N 131 
DT  "C2'" "H2'"  sing N N 132 
DT  "C2'" "H2''" sing N N 133 
DT  "C1'" N1     sing N N 134 
DT  "C1'" "H1'"  sing N N 135 
DT  N1    C2     sing N N 136 
DT  N1    C6     sing N N 137 
DT  C2    O2     doub N N 138 
DT  C2    N3     sing N N 139 
DT  N3    C4     sing N N 140 
DT  N3    H3     sing N N 141 
DT  C4    O4     doub N N 142 
DT  C4    C5     sing N N 143 
DT  C5    C7     sing N N 144 
DT  C5    C6     doub N N 145 
DT  C7    H71    sing N N 146 
DT  C7    H72    sing N N 147 
DT  C7    H73    sing N N 148 
DT  C6    H6     sing N N 149 
HOH O     H1     sing N N 150 
HOH O     H2     sing N N 151 
IPY C     C2     doub Y N 152 
IPY C     C32    sing Y N 153 
IPY C     N8     sing N N 154 
IPY C1    C6     sing Y N 155 
IPY C1    C10    doub Y N 156 
IPY C1    H1     sing N N 157 
IPY C2    N      sing Y N 158 
IPY C2    H2     sing N N 159 
IPY C3    N      sing N N 160 
IPY C3    H31    sing N N 161 
IPY C3    H32A   sing N N 162 
IPY C3    H33    sing N N 163 
IPY C4    C5     sing N N 164 
IPY C4    C32    doub Y N 165 
IPY C4    N      sing Y N 166 
IPY C5    O1     doub N N 167 
IPY C5    N1     sing N N 168 
IPY C6    C8     doub Y N 169 
IPY C6    N1     sing N N 170 
IPY C8    N3     sing Y N 171 
IPY C8    H8     sing N N 172 
IPY C9    N3     sing N N 173 
IPY C9    H91    sing N N 174 
IPY C9    H92    sing N N 175 
IPY C9    H93    sing N N 176 
IPY C10   C11    sing N N 177 
IPY C10   N3     sing Y N 178 
IPY C11   O2     doub N N 179 
IPY C11   N4     sing N N 180 
IPY C12   C13    sing Y N 181 
IPY C12   C14    doub Y N 182 
IPY C12   N4     sing N N 183 
IPY C13   C16    doub Y N 184 
IPY C13   H13    sing N N 185 
IPY C14   N5     sing Y N 186 
IPY C14   H14    sing N N 187 
IPY C15   N5     sing N N 188 
IPY C15   H151   sing N N 189 
IPY C15   H152   sing N N 190 
IPY C15   H153   sing N N 191 
IPY C16   C23    sing N N 192 
IPY C16   N5     sing Y N 193 
IPY C18   C19    sing N N 194 
IPY C18   N6     sing N N 195 
IPY C18   H181   sing N N 196 
IPY C18   H182   sing N N 197 
IPY C19   C20    sing N N 198 
IPY C19   H191   sing N N 199 
IPY C19   H192   sing N N 200 
IPY C20   N7     sing N N 201 
IPY C20   H201   sing N N 202 
IPY C20   H202   sing N N 203 
IPY C21   N7     sing N N 204 
IPY C21   H211   sing N N 205 
IPY C21   H212   sing N N 206 
IPY C21   H213   sing N N 207 
IPY C22   N7     sing N N 208 
IPY C22   H221   sing N N 209 
IPY C22   H222   sing N N 210 
IPY C22   H223   sing N N 211 
IPY C23   O3     doub N N 212 
IPY C23   N11    sing N N 213 
IPY C24   C25    sing N N 214 
IPY C24   O4     doub N N 215 
IPY C24   N8     sing N N 216 
IPY C25   N9     sing Y N 217 
IPY C25   N10    doub Y N 218 
IPY C26   C27    doub Y N 219 
IPY C26   N10    sing Y N 220 
IPY C26   H26    sing N N 221 
IPY C27   N9     sing Y N 222 
IPY C27   H27    sing N N 223 
IPY C28   N9     sing N N 224 
IPY C28   H281   sing N N 225 
IPY C28   H282   sing N N 226 
IPY C28   H283   sing N N 227 
IPY C29   C30    sing N N 228 
IPY C29   N11    sing N N 229 
IPY C29   H291   sing N N 230 
IPY C29   H292   sing N N 231 
IPY C30   C31    sing N N 232 
IPY C30   H301   sing N N 233 
IPY C30   H302   sing N N 234 
IPY C31   O5     doub N N 235 
IPY C31   N6     sing N N 236 
IPY C32   H32    sing N N 237 
IPY N1    HN1    sing N N 238 
IPY N4    HN4    sing N N 239 
IPY N6    HN6    sing N N 240 
IPY N7    HN7    sing N N 241 
IPY N8    HN8    sing N N 242 
IPY N11   H11    sing N N 243 
# 
loop_
_ndb_struct_conf_na.entry_id 
_ndb_struct_conf_na.feature 
1CVY 'double helix'        
1CVY 'b-form double helix' 
# 
loop_
_ndb_struct_na_base_pair.model_number 
_ndb_struct_na_base_pair.i_label_asym_id 
_ndb_struct_na_base_pair.i_label_comp_id 
_ndb_struct_na_base_pair.i_label_seq_id 
_ndb_struct_na_base_pair.i_symmetry 
_ndb_struct_na_base_pair.j_label_asym_id 
_ndb_struct_na_base_pair.j_label_comp_id 
_ndb_struct_na_base_pair.j_label_seq_id 
_ndb_struct_na_base_pair.j_symmetry 
_ndb_struct_na_base_pair.shear 
_ndb_struct_na_base_pair.stretch 
_ndb_struct_na_base_pair.stagger 
_ndb_struct_na_base_pair.buckle 
_ndb_struct_na_base_pair.propeller 
_ndb_struct_na_base_pair.opening 
_ndb_struct_na_base_pair.pair_number 
_ndb_struct_na_base_pair.pair_name 
_ndb_struct_na_base_pair.i_auth_asym_id 
_ndb_struct_na_base_pair.i_auth_seq_id 
_ndb_struct_na_base_pair.i_PDB_ins_code 
_ndb_struct_na_base_pair.j_auth_asym_id 
_ndb_struct_na_base_pair.j_auth_seq_id 
_ndb_struct_na_base_pair.j_PDB_ins_code 
_ndb_struct_na_base_pair.hbond_type_28 
_ndb_struct_na_base_pair.hbond_type_12 
1 A DC 1  1_555 B DG 10 1_555 -0.626 0.142  0.127 -6.256  -27.964 0.952   1  A_DC1:DG10_B A 1  ? B 10 ? 19 1 
1 A DC 2  1_555 B DG 9  1_555 0.211  -0.192 0.362 -10.405 -9.515  0.096   2  A_DC2:DG9_B  A 2  ? B 9  ? 19 1 
1 A DA 3  1_555 B DT 8  1_555 -0.185 -0.236 0.344 -0.879  -6.611  3.554   3  A_DA3:DT8_B  A 3  ? B 8  ? 20 1 
1 A DG 4  1_555 B DC 7  1_555 0.000  -0.269 0.313 -4.465  -11.442 -1.101  4  A_DG4:DC7_B  A 4  ? B 7  ? 19 1 
1 A DA 5  1_555 B DT 6  1_555 -0.289 0.058  0.160 -4.843  -17.575 -12.831 5  A_DA5:DT6_B  A 5  ? B 6  ? 20 1 
1 A DT 6  1_555 B DA 5  1_555 0.148  0.114  0.481 1.535   -18.954 -10.747 6  A_DT6:DA5_B  A 6  ? B 5  ? 20 1 
1 A DC 7  1_555 B DG 4  1_555 0.760  -0.396 0.159 2.826   -2.919  1.110   7  A_DC7:DG4_B  A 7  ? B 4  ? 19 1 
1 A DT 8  1_555 B DA 3  1_555 0.510  -0.242 0.188 0.333   -0.906  4.598   8  A_DT8:DA3_B  A 8  ? B 3  ? 20 1 
1 A DG 9  1_555 B DC 2  1_555 0.025  -0.168 0.098 2.769   -8.626  1.639   9  A_DG9:DC2_B  A 9  ? B 2  ? 19 1 
1 A DG 10 1_555 B DC 1  1_555 -0.155 -0.269 0.110 8.015   -29.570 4.152   10 A_DG10:DC1_B A 10 ? B 1  ? 19 1 
# 
loop_
_ndb_struct_na_base_pair_step.model_number 
_ndb_struct_na_base_pair_step.i_label_asym_id_1 
_ndb_struct_na_base_pair_step.i_label_comp_id_1 
_ndb_struct_na_base_pair_step.i_label_seq_id_1 
_ndb_struct_na_base_pair_step.i_symmetry_1 
_ndb_struct_na_base_pair_step.j_label_asym_id_1 
_ndb_struct_na_base_pair_step.j_label_comp_id_1 
_ndb_struct_na_base_pair_step.j_label_seq_id_1 
_ndb_struct_na_base_pair_step.j_symmetry_1 
_ndb_struct_na_base_pair_step.i_label_asym_id_2 
_ndb_struct_na_base_pair_step.i_label_comp_id_2 
_ndb_struct_na_base_pair_step.i_label_seq_id_2 
_ndb_struct_na_base_pair_step.i_symmetry_2 
_ndb_struct_na_base_pair_step.j_label_asym_id_2 
_ndb_struct_na_base_pair_step.j_label_comp_id_2 
_ndb_struct_na_base_pair_step.j_label_seq_id_2 
_ndb_struct_na_base_pair_step.j_symmetry_2 
_ndb_struct_na_base_pair_step.shift 
_ndb_struct_na_base_pair_step.slide 
_ndb_struct_na_base_pair_step.rise 
_ndb_struct_na_base_pair_step.tilt 
_ndb_struct_na_base_pair_step.roll 
_ndb_struct_na_base_pair_step.twist 
_ndb_struct_na_base_pair_step.x_displacement 
_ndb_struct_na_base_pair_step.y_displacement 
_ndb_struct_na_base_pair_step.helical_rise 
_ndb_struct_na_base_pair_step.inclination 
_ndb_struct_na_base_pair_step.tip 
_ndb_struct_na_base_pair_step.helical_twist 
_ndb_struct_na_base_pair_step.step_number 
_ndb_struct_na_base_pair_step.step_name 
_ndb_struct_na_base_pair_step.i_auth_asym_id_1 
_ndb_struct_na_base_pair_step.i_auth_seq_id_1 
_ndb_struct_na_base_pair_step.i_PDB_ins_code_1 
_ndb_struct_na_base_pair_step.j_auth_asym_id_1 
_ndb_struct_na_base_pair_step.j_auth_seq_id_1 
_ndb_struct_na_base_pair_step.j_PDB_ins_code_1 
_ndb_struct_na_base_pair_step.i_auth_asym_id_2 
_ndb_struct_na_base_pair_step.i_auth_seq_id_2 
_ndb_struct_na_base_pair_step.i_PDB_ins_code_2 
_ndb_struct_na_base_pair_step.j_auth_asym_id_2 
_ndb_struct_na_base_pair_step.j_auth_seq_id_2 
_ndb_struct_na_base_pair_step.j_PDB_ins_code_2 
1 A DC 1 1_555 B DG 10 1_555 A DC 2  1_555 B DG 9 1_555 -0.112 0.332 3.579 -1.210 9.752   36.067 -0.910 -0.002 3.548 15.401  1.910 
37.339 1 AA_DC1DC2:DG9DG10_BB A 1 ? B 10 ? A 2  ? B 9 ? 
1 A DC 2 1_555 B DG 9  1_555 A DA 3  1_555 B DT 8 1_555 -0.014 1.405 3.164 -2.741 1.405   39.984 1.893  -0.285 3.204 2.051   4.002 
40.098 2 AA_DC2DA3:DT8DG9_BB  A 2 ? B 9  ? A 3  ? B 8 ? 
1 A DA 3 1_555 B DT 8  1_555 A DG 4  1_555 B DC 7 1_555 -0.972 0.122 3.514 -3.057 14.465  28.349 -2.678 1.156  3.276 27.312  5.771 
31.902 3 AA_DA3DG4:DC7DT8_BB  A 3 ? B 8  ? A 4  ? B 7 ? 
1 A DG 4 1_555 B DC 7  1_555 A DA 5  1_555 B DT 6 1_555 -1.661 1.020 3.253 -5.729 -0.450  37.477 1.629  1.802  3.449 -0.696  8.853 
37.899 4 AA_DG4DA5:DT6DC7_BB  A 4 ? B 7  ? A 5  ? B 6 ? 
1 A DA 5 1_555 B DT 6  1_555 A DT 6  1_555 B DA 5 1_555 0.202  0.027 3.132 -0.562 -10.642 36.601 1.335  -0.379 3.005 -16.519 0.872 
38.070 5 AA_DA5DT6:DA5DT6_BB  A 5 ? B 6  ? A 6  ? B 5 ? 
1 A DT 6 1_555 B DA 5  1_555 A DC 7  1_555 B DG 4 1_555 1.668  1.230 3.233 7.835  1.144   41.804 1.576  -1.476 3.507 1.586   
-10.863 42.514 6 AA_DT6DC7:DG4DA5_BB  A 6 ? B 5  ? A 7  ? B 4 ? 
1 A DC 7 1_555 B DG 4  1_555 A DT 8  1_555 B DA 3 1_555 0.733  0.357 3.483 4.032  14.672  24.843 -2.883 -0.472 3.263 30.701  
-8.437  29.070 7 AA_DC7DT8:DA3DG4_BB  A 7 ? B 4  ? A 8  ? B 3 ? 
1 A DT 8 1_555 B DA 3  1_555 A DG 9  1_555 B DC 2 1_555 0.004  2.268 3.314 2.964  -1.353  41.984 3.298  0.301  3.235 -1.885  
-4.130  42.105 8 AA_DT8DG9:DC2DA3_BB  A 8 ? B 3  ? A 9  ? B 2 ? 
1 A DG 9 1_555 B DC 2  1_555 A DG 10 1_555 B DC 1 1_555 0.265  0.604 3.138 1.600  12.694  27.834 -1.381 -0.185 3.121 24.796  
-3.125  30.581 9 AA_DG9DG10:DC1DC2_BB A 9 ? B 2  ? A 10 ? B 1 ? 
# 
_atom_sites.entry_id                    1CVY 
_atom_sites.fract_transf_matrix[1][1]   0.00375490 
_atom_sites.fract_transf_matrix[1][2]   -0.01395167 
_atom_sites.fract_transf_matrix[1][3]   -0.02513308 
_atom_sites.fract_transf_matrix[2][1]   -0.02489462 
_atom_sites.fract_transf_matrix[2][2]   0.00402091 
_atom_sites.fract_transf_matrix[2][3]   -0.00595133 
_atom_sites.fract_transf_matrix[3][1]   0.00520310 
_atom_sites.fract_transf_matrix[3][2]   0.01831581 
_atom_sites.fract_transf_matrix[3][3]   -0.00938998 
_atom_sites.fract_transf_vector[1]      0.157963 
_atom_sites.fract_transf_vector[2]      1.000492 
_atom_sites.fract_transf_vector[3]      0.053767 
# 
loop_
_atom_type.symbol 
C 
N 
O 
P 
# 
loop_
_atom_site.group_PDB 
_atom_site.id 
_atom_site.type_symbol 
_atom_site.label_atom_id 
_atom_site.label_alt_id 
_atom_site.label_comp_id 
_atom_site.label_asym_id 
_atom_site.label_entity_id 
_atom_site.label_seq_id 
_atom_site.pdbx_PDB_ins_code 
_atom_site.Cartn_x 
_atom_site.Cartn_y 
_atom_site.Cartn_z 
_atom_site.occupancy 
_atom_site.B_iso_or_equiv 
_atom_site.pdbx_formal_charge 
_atom_site.auth_seq_id 
_atom_site.auth_comp_id 
_atom_site.auth_asym_id 
_atom_site.auth_atom_id 
_atom_site.pdbx_PDB_model_num 
ATOM   1   O "O5'" . DC  A 1 1  ? -5.994  -9.049  -13.557 1.00 53.53 ? 1  DC  A "O5'" 1 
ATOM   2   C "C5'" . DC  A 1 1  ? -5.956  -10.145 -14.478 1.00 37.34 ? 1  DC  A "C5'" 1 
ATOM   3   C "C4'" . DC  A 1 1  ? -5.072  -11.316 -14.104 1.00 66.99 ? 1  DC  A "C4'" 1 
ATOM   4   O "O4'" . DC  A 1 1  ? -3.765  -11.042 -14.633 1.00 57.40 ? 1  DC  A "O4'" 1 
ATOM   5   C "C3'" . DC  A 1 1  ? -4.854  -11.587 -12.599 1.00 87.36 ? 1  DC  A "C3'" 1 
ATOM   6   O "O3'" . DC  A 1 1  ? -4.497  -12.981 -12.316 1.00 99.44 ? 1  DC  A "O3'" 1 
ATOM   7   C "C2'" . DC  A 1 1  ? -3.657  -10.721 -12.284 1.00 64.62 ? 1  DC  A "C2'" 1 
ATOM   8   C "C1'" . DC  A 1 1  ? -2.849  -10.827 -13.561 1.00 56.77 ? 1  DC  A "C1'" 1 
ATOM   9   N N1    . DC  A 1 1  ? -2.133  -9.585  -13.819 1.00 40.21 ? 1  DC  A N1    1 
ATOM   10  C C2    . DC  A 1 1  ? -0.761  -9.584  -13.684 1.00 50.47 ? 1  DC  A C2    1 
ATOM   11  O O2    . DC  A 1 1  ? -0.198  -10.633 -13.405 1.00 87.89 ? 1  DC  A O2    1 
ATOM   12  N N3    . DC  A 1 1  ? -0.074  -8.461  -13.867 1.00 40.64 ? 1  DC  A N3    1 
ATOM   13  C C4    . DC  A 1 1  ? -0.707  -7.360  -14.210 1.00 47.75 ? 1  DC  A C4    1 
ATOM   14  N N4    . DC  A 1 1  ? 0.047   -6.298  -14.416 1.00 38.30 ? 1  DC  A N4    1 
ATOM   15  C C5    . DC  A 1 1  ? -2.130  -7.317  -14.367 1.00 25.02 ? 1  DC  A C5    1 
ATOM   16  C C6    . DC  A 1 1  ? -2.795  -8.449  -14.161 1.00 48.58 ? 1  DC  A C6    1 
ATOM   17  P P     . DC  A 1 2  ? -4.604  -13.537 -10.761 1.00 83.11 ? 2  DC  A P     1 
ATOM   18  O OP1   . DC  A 1 2  ? -4.495  -15.031 -10.714 1.00 92.87 ? 2  DC  A OP1   1 
ATOM   19  O OP2   . DC  A 1 2  ? -5.783  -12.888 -10.133 1.00 83.99 ? 2  DC  A OP2   1 
ATOM   20  O "O5'" . DC  A 1 2  ? -3.314  -12.953 -10.013 1.00 81.07 ? 2  DC  A "O5'" 1 
ATOM   21  C "C5'" . DC  A 1 2  ? -2.120  -13.748 -9.776  1.00 75.55 ? 2  DC  A "C5'" 1 
ATOM   22  C "C4'" . DC  A 1 2  ? -1.131  -12.973 -8.930  1.00 58.14 ? 2  DC  A "C4'" 1 
ATOM   23  O "O4'" . DC  A 1 2  ? -0.698  -11.707 -9.533  1.00 64.41 ? 2  DC  A "O4'" 1 
ATOM   24  C "C3'" . DC  A 1 2  ? -1.669  -12.598 -7.552  1.00 53.40 ? 2  DC  A "C3'" 1 
ATOM   25  O "O3'" . DC  A 1 2  ? -0.567  -12.661 -6.664  1.00 61.77 ? 2  DC  A "O3'" 1 
ATOM   26  C "C2'" . DC  A 1 2  ? -2.040  -11.139 -7.705  1.00 59.63 ? 2  DC  A "C2'" 1 
ATOM   27  C "C1'" . DC  A 1 2  ? -0.871  -10.653 -8.579  1.00 62.68 ? 2  DC  A "C1'" 1 
ATOM   28  N N1    . DC  A 1 2  ? -0.994  -9.305  -9.286  1.00 75.31 ? 2  DC  A N1    1 
ATOM   29  C C2    . DC  A 1 2  ? 0.173   -8.496  -9.479  1.00 46.74 ? 2  DC  A C2    1 
ATOM   30  O O2    . DC  A 1 2  ? 1.232   -8.871  -9.026  1.00 67.51 ? 2  DC  A O2    1 
ATOM   31  N N3    . DC  A 1 2  ? 0.084   -7.332  -10.154 1.00 55.87 ? 2  DC  A N3    1 
ATOM   32  C C4    . DC  A 1 2  ? -1.082  -6.935  -10.636 1.00 49.91 ? 2  DC  A C4    1 
ATOM   33  N N4    . DC  A 1 2  ? -1.094  -5.821  -11.363 1.00 63.81 ? 2  DC  A N4    1 
ATOM   34  C C5    . DC  A 1 2  ? -2.286  -7.673  -10.420 1.00 48.46 ? 2  DC  A C5    1 
ATOM   35  C C6    . DC  A 1 2  ? -2.200  -8.845  -9.747  1.00 68.24 ? 2  DC  A C6    1 
ATOM   36  P P     . DA  A 1 3  ? -0.820  -13.046 -5.164  1.00 55.89 ? 3  DA  A P     1 
ATOM   37  O OP1   . DA  A 1 3  ? -0.833  -14.513 -5.025  1.00 66.31 ? 3  DA  A OP1   1 
ATOM   38  O OP2   . DA  A 1 3  ? -1.947  -12.225 -4.695  1.00 59.60 ? 3  DA  A OP2   1 
ATOM   39  O "O5'" . DA  A 1 3  ? 0.475   -12.527 -4.458  1.00 48.61 ? 3  DA  A "O5'" 1 
ATOM   40  C "C5'" . DA  A 1 3  ? 1.729   -12.902 -4.962  1.00 47.93 ? 3  DA  A "C5'" 1 
ATOM   41  C "C4'" . DA  A 1 3  ? 2.730   -11.878 -4.486  1.00 54.67 ? 3  DA  A "C4'" 1 
ATOM   42  O "O4'" . DA  A 1 3  ? 2.570   -10.616 -5.178  1.00 54.23 ? 3  DA  A "O4'" 1 
ATOM   43  C "C3'" . DA  A 1 3  ? 2.591   -11.547 -2.998  1.00 41.80 ? 3  DA  A "C3'" 1 
ATOM   44  O "O3'" . DA  A 1 3  ? 3.888   -11.202 -2.534  1.00 64.88 ? 3  DA  A "O3'" 1 
ATOM   45  C "C2'" . DA  A 1 3  ? 1.660   -10.346 -2.988  1.00 42.73 ? 3  DA  A "C2'" 1 
ATOM   46  C "C1'" . DA  A 1 3  ? 2.092   -9.608  -4.277  1.00 57.95 ? 3  DA  A "C1'" 1 
ATOM   47  N N9    . DA  A 1 3  ? 1.068   -8.767  -4.979  1.00 55.15 ? 3  DA  A N9    1 
ATOM   48  C C8    . DA  A 1 3  ? -0.297  -9.006  -5.016  1.00 43.12 ? 3  DA  A C8    1 
ATOM   49  N N7    . DA  A 1 3  ? -0.980  -8.134  -5.722  1.00 69.99 ? 3  DA  A N7    1 
ATOM   50  C C5    . DA  A 1 3  ? -0.019  -7.233  -6.191  1.00 55.69 ? 3  DA  A C5    1 
ATOM   51  C C6    . DA  A 1 3  ? -0.118  -6.030  -7.006  1.00 54.35 ? 3  DA  A C6    1 
ATOM   52  N N6    . DA  A 1 3  ? -1.250  -5.535  -7.543  1.00 68.83 ? 3  DA  A N6    1 
ATOM   53  N N1    . DA  A 1 3  ? 1.017   -5.354  -7.243  1.00 47.25 ? 3  DA  A N1    1 
ATOM   54  C C2    . DA  A 1 3  ? 2.184   -5.821  -6.717  1.00 41.05 ? 3  DA  A C2    1 
ATOM   55  N N3    . DA  A 1 3  ? 2.409   -6.904  -5.974  1.00 43.29 ? 3  DA  A N3    1 
ATOM   56  C C4    . DA  A 1 3  ? 1.256   -7.590  -5.732  1.00 64.29 ? 3  DA  A C4    1 
ATOM   57  P P     . DG  A 1 4  ? 4.196   -11.225 -0.941  1.00 72.37 ? 4  DG  A P     1 
ATOM   58  O OP1   . DG  A 1 4  ? 5.359   -12.082 -0.559  1.00 71.58 ? 4  DG  A OP1   1 
ATOM   59  O OP2   . DG  A 1 4  ? 2.841   -11.430 -0.252  1.00 79.56 ? 4  DG  A OP2   1 
ATOM   60  O "O5'" . DG  A 1 4  ? 4.690   -9.717  -0.721  1.00 88.95 ? 4  DG  A "O5'" 1 
ATOM   61  C "C5'" . DG  A 1 4  ? 5.608   -9.083  -1.646  1.00 83.61 ? 4  DG  A "C5'" 1 
ATOM   62  C "C4'" . DG  A 1 4  ? 5.716   -7.596  -1.383  1.00 64.97 ? 4  DG  A "C4'" 1 
ATOM   63  O "O4'" . DG  A 1 4  ? 4.787   -6.821  -2.189  1.00 72.48 ? 4  DG  A "O4'" 1 
ATOM   64  C "C3'" . DG  A 1 4  ? 5.422   -7.231  0.070   1.00 57.89 ? 4  DG  A "C3'" 1 
ATOM   65  O "O3'" . DG  A 1 4  ? 6.254   -6.149  0.430   1.00 68.71 ? 4  DG  A "O3'" 1 
ATOM   66  C "C2'" . DG  A 1 4  ? 3.983   -6.748  0.035   1.00 49.56 ? 4  DG  A "C2'" 1 
ATOM   67  C "C1'" . DG  A 1 4  ? 3.964   -6.036  -1.314  1.00 69.65 ? 4  DG  A "C1'" 1 
ATOM   68  N N9    . DG  A 1 4  ? 2.640   -5.913  -1.907  1.00 48.99 ? 4  DG  A N9    1 
ATOM   69  C C8    . DG  A 1 4  ? 1.586   -6.806  -1.788  1.00 49.01 ? 4  DG  A C8    1 
ATOM   70  N N7    . DG  A 1 4  ? 0.514   -6.415  -2.412  1.00 61.63 ? 4  DG  A N7    1 
ATOM   71  C C5    . DG  A 1 4  ? 0.887   -5.206  -3.007  1.00 48.98 ? 4  DG  A C5    1 
ATOM   72  C C6    . DG  A 1 4  ? 0.159   -4.327  -3.869  1.00 41.69 ? 4  DG  A C6    1 
ATOM   73  O O6    . DG  A 1 4  ? -0.976  -4.506  -4.402  1.00 42.80 ? 4  DG  A O6    1 
ATOM   74  N N1    . DG  A 1 4  ? 0.905   -3.175  -4.156  1.00 48.37 ? 4  DG  A N1    1 
ATOM   75  C C2    . DG  A 1 4  ? 2.197   -2.945  -3.749  1.00 38.54 ? 4  DG  A C2    1 
ATOM   76  N N2    . DG  A 1 4  ? 2.743   -1.797  -4.143  1.00 36.17 ? 4  DG  A N2    1 
ATOM   77  N N3    . DG  A 1 4  ? 2.904   -3.780  -3.025  1.00 40.31 ? 4  DG  A N3    1 
ATOM   78  C C4    . DG  A 1 4  ? 2.192   -4.876  -2.680  1.00 35.15 ? 4  DG  A C4    1 
ATOM   79  P P     . DA  A 1 5  ? 6.999   -6.138  1.868   1.00 46.39 ? 5  DA  A P     1 
ATOM   80  O OP1   . DA  A 1 5  ? 8.053   -7.185  1.927   1.00 45.26 ? 5  DA  A OP1   1 
ATOM   81  O OP2   . DA  A 1 5  ? 5.919   -6.114  2.889   1.00 45.54 ? 5  DA  A OP2   1 
ATOM   82  O "O5'" . DA  A 1 5  ? 7.774   -4.755  1.766   1.00 44.15 ? 5  DA  A "O5'" 1 
ATOM   83  C "C5'" . DA  A 1 5  ? 8.498   -4.421  0.583   1.00 42.31 ? 5  DA  A "C5'" 1 
ATOM   84  C "C4'" . DA  A 1 5  ? 8.233   -2.976  0.233   1.00 42.92 ? 5  DA  A "C4'" 1 
ATOM   85  O "O4'" . DA  A 1 5  ? 6.896   -2.778  -0.312  1.00 46.41 ? 5  DA  A "O4'" 1 
ATOM   86  C "C3'" . DA  A 1 5  ? 8.348   -2.078  1.456   1.00 55.94 ? 5  DA  A "C3'" 1 
ATOM   87  O "O3'" . DA  A 1 5  ? 9.213   -0.990  1.078   1.00 58.25 ? 5  DA  A "O3'" 1 
ATOM   88  C "C2'" . DA  A 1 5  ? 6.891   -1.712  1.766   1.00 50.19 ? 5  DA  A "C2'" 1 
ATOM   89  C "C1'" . DA  A 1 5  ? 6.251   -1.724  0.404   1.00 35.26 ? 5  DA  A "C1'" 1 
ATOM   90  N N9    . DA  A 1 5  ? 4.858   -2.078  0.472   1.00 42.46 ? 5  DA  A N9    1 
ATOM   91  C C8    . DA  A 1 5  ? 4.338   -3.146  1.101   1.00 40.25 ? 5  DA  A C8    1 
ATOM   92  N N7    . DA  A 1 5  ? 3.087   -3.337  0.824   1.00 33.36 ? 5  DA  A N7    1 
ATOM   93  C C5    . DA  A 1 5  ? 2.758   -2.299  -0.012  1.00 35.50 ? 5  DA  A C5    1 
ATOM   94  C C6    . DA  A 1 5  ? 1.602   -1.924  -0.617  1.00 34.77 ? 5  DA  A C6    1 
ATOM   95  N N6    . DA  A 1 5  ? 0.519   -2.642  -0.559  1.00 35.60 ? 5  DA  A N6    1 
ATOM   96  N N1    . DA  A 1 5  ? 1.569   -0.781  -1.295  1.00 39.28 ? 5  DA  A N1    1 
ATOM   97  C C2    . DA  A 1 5  ? 2.658   -0.079  -1.368  1.00 28.42 ? 5  DA  A C2    1 
ATOM   98  N N3    . DA  A 1 5  ? 3.830   -0.329  -0.865  1.00 42.82 ? 5  DA  A N3    1 
ATOM   99  C C4    . DA  A 1 5  ? 3.818   -1.472  -0.185  1.00 36.36 ? 5  DA  A C4    1 
ATOM   100 P P     . DT  A 1 6  ? 9.473   0.262   2.067   1.00 44.76 ? 6  DT  A P     1 
ATOM   101 O OP1   . DT  A 1 6  ? 10.800  0.803   1.659   1.00 56.40 ? 6  DT  A OP1   1 
ATOM   102 O OP2   . DT  A 1 6  ? 9.223   -0.121  3.475   1.00 53.22 ? 6  DT  A OP2   1 
ATOM   103 O "O5'" . DT  A 1 6  ? 8.314   1.277   1.671   1.00 50.96 ? 6  DT  A "O5'" 1 
ATOM   104 C "C5'" . DT  A 1 6  ? 8.013   1.535   0.276   1.00 37.69 ? 6  DT  A "C5'" 1 
ATOM   105 C "C4'" . DT  A 1 6  ? 6.932   2.591   0.218   1.00 44.34 ? 6  DT  A "C4'" 1 
ATOM   106 O "O4'" . DT  A 1 6  ? 5.635   2.001   0.333   1.00 36.97 ? 6  DT  A "O4'" 1 
ATOM   107 C "C3'" . DT  A 1 6  ? 7.006   3.708   1.258   1.00 39.04 ? 6  DT  A "C3'" 1 
ATOM   108 O "O3'" . DT  A 1 6  ? 6.697   4.936   0.627   1.00 47.06 ? 6  DT  A "O3'" 1 
ATOM   109 C "C2'" . DT  A 1 6  ? 5.930   3.329   2.245   1.00 32.72 ? 6  DT  A "C2'" 1 
ATOM   110 C "C1'" . DT  A 1 6  ? 4.892   2.751   1.283   1.00 37.44 ? 6  DT  A "C1'" 1 
ATOM   111 N N1    . DT  A 1 6  ? 3.913   1.844   1.902   1.00 47.68 ? 6  DT  A N1    1 
ATOM   112 C C2    . DT  A 1 6  ? 2.646   1.749   1.356   1.00 41.34 ? 6  DT  A C2    1 
ATOM   113 O O2    . DT  A 1 6  ? 2.243   2.399   0.437   1.00 36.76 ? 6  DT  A O2    1 
ATOM   114 N N3    . DT  A 1 6  ? 1.852   0.847   1.955   1.00 39.05 ? 6  DT  A N3    1 
ATOM   115 C C4    . DT  A 1 6  ? 2.180   0.011   2.956   1.00 34.74 ? 6  DT  A C4    1 
ATOM   116 O O4    . DT  A 1 6  ? 1.376   -0.751  3.346   1.00 40.56 ? 6  DT  A O4    1 
ATOM   117 C C5    . DT  A 1 6  ? 3.495   0.141   3.493   1.00 32.83 ? 6  DT  A C5    1 
ATOM   118 C C7    . DT  A 1 6  ? 3.900   -0.790  4.568   1.00 33.02 ? 6  DT  A C7    1 
ATOM   119 C C6    . DT  A 1 6  ? 4.299   1.040   2.965   1.00 30.54 ? 6  DT  A C6    1 
ATOM   120 P P     . DC  A 1 7  ? 7.144   6.306   1.315   1.00 69.93 ? 7  DC  A P     1 
ATOM   121 O OP1   . DC  A 1 7  ? 8.080   7.107   0.450   1.00 90.23 ? 7  DC  A OP1   1 
ATOM   122 O OP2   . DC  A 1 7  ? 7.508   5.990   2.689   1.00 55.99 ? 7  DC  A OP2   1 
ATOM   123 O "O5'" . DC  A 1 7  ? 5.798   7.099   1.348   1.00 63.35 ? 7  DC  A "O5'" 1 
ATOM   124 C "C5'" . DC  A 1 7  ? 4.793   6.649   2.116   1.00 52.29 ? 7  DC  A "C5'" 1 
ATOM   125 C "C4'" . DC  A 1 7  ? 3.559   7.262   1.593   1.00 47.92 ? 7  DC  A "C4'" 1 
ATOM   126 O "O4'" . DC  A 1 7  ? 2.649   6.181   1.793   1.00 68.71 ? 7  DC  A "O4'" 1 
ATOM   127 C "C3'" . DC  A 1 7  ? 3.113   8.393   2.509   1.00 53.18 ? 7  DC  A "C3'" 1 
ATOM   128 O "O3'" . DC  A 1 7  ? 2.310   9.330   1.767   1.00 69.80 ? 7  DC  A "O3'" 1 
ATOM   129 C "C2'" . DC  A 1 7  ? 2.391   7.659   3.625   1.00 57.15 ? 7  DC  A "C2'" 1 
ATOM   130 C "C1'" . DC  A 1 7  ? 1.918   6.341   2.992   1.00 56.81 ? 7  DC  A "C1'" 1 
ATOM   131 N N1    . DC  A 1 7  ? 2.136   5.142   3.778   1.00 37.93 ? 7  DC  A N1    1 
ATOM   132 C C2    . DC  A 1 7  ? 1.182   4.146   3.814   1.00 36.79 ? 7  DC  A C2    1 
ATOM   133 O O2    . DC  A 1 7  ? 0.177   4.259   3.123   1.00 38.77 ? 7  DC  A O2    1 
ATOM   134 N N3    . DC  A 1 7  ? 1.360   3.087   4.575   1.00 36.73 ? 7  DC  A N3    1 
ATOM   135 C C4    . DC  A 1 7  ? 2.418   2.977   5.307   1.00 45.75 ? 7  DC  A C4    1 
ATOM   136 N N4    . DC  A 1 7  ? 2.499   1.894   6.024   1.00 48.58 ? 7  DC  A N4    1 
ATOM   137 C C5    . DC  A 1 7  ? 3.443   3.981   5.277   1.00 40.55 ? 7  DC  A C5    1 
ATOM   138 C C6    . DC  A 1 7  ? 3.263   5.022   4.507   1.00 37.16 ? 7  DC  A C6    1 
ATOM   139 P P     . DT  A 1 8  ? 1.896   10.767  2.386   1.00 63.36 ? 8  DT  A P     1 
ATOM   140 O OP1   . DT  A 1 8  ? 1.544   11.723  1.269   1.00 58.29 ? 8  DT  A OP1   1 
ATOM   141 O OP2   . DT  A 1 8  ? 3.036   11.097  3.289   1.00 40.57 ? 8  DT  A OP2   1 
ATOM   142 O "O5'" . DT  A 1 8  ? 0.538   10.459  3.230   1.00 51.02 ? 8  DT  A "O5'" 1 
ATOM   143 C "C5'" . DT  A 1 8  ? -0.597  9.709   2.699   1.00 46.81 ? 8  DT  A "C5'" 1 
ATOM   144 C "C4'" . DT  A 1 8  ? -1.496  9.229   3.826   1.00 74.76 ? 8  DT  A "C4'" 1 
ATOM   145 O "O4'" . DT  A 1 8  ? -1.140  7.949   4.438   1.00 58.74 ? 8  DT  A "O4'" 1 
ATOM   146 C "C3'" . DT  A 1 8  ? -1.649  10.214  4.996   1.00 56.93 ? 8  DT  A "C3'" 1 
ATOM   147 O "O3'" . DT  A 1 8  ? -3.000  10.269  5.410   1.00 76.05 ? 8  DT  A "O3'" 1 
ATOM   148 C "C2'" . DT  A 1 8  ? -0.934  9.519   6.133   1.00 73.71 ? 8  DT  A "C2'" 1 
ATOM   149 C "C1'" . DT  A 1 8  ? -1.282  8.071   5.854   1.00 62.70 ? 8  DT  A "C1'" 1 
ATOM   150 N N1    . DT  A 1 8  ? -0.358  7.118   6.508   1.00 49.99 ? 8  DT  A N1    1 
ATOM   151 C C2    . DT  A 1 8  ? -0.829  5.888   6.831   1.00 36.77 ? 8  DT  A C2    1 
ATOM   152 O O2    . DT  A 1 8  ? -1.967  5.556   6.607   1.00 52.27 ? 8  DT  A O2    1 
ATOM   153 N N3    . DT  A 1 8  ? 0.093   5.049   7.414   1.00 40.59 ? 8  DT  A N3    1 
ATOM   154 C C4    . DT  A 1 8  ? 1.413   5.324   7.693   1.00 40.35 ? 8  DT  A C4    1 
ATOM   155 O O4    . DT  A 1 8  ? 2.120   4.467   8.241   1.00 38.38 ? 8  DT  A O4    1 
ATOM   156 C C5    . DT  A 1 8  ? 1.851   6.641   7.290   1.00 40.50 ? 8  DT  A C5    1 
ATOM   157 C C7    . DT  A 1 8  ? 3.292   7.011   7.418   1.00 37.75 ? 8  DT  A C7    1 
ATOM   158 C C6    . DT  A 1 8  ? 0.943   7.470   6.766   1.00 45.95 ? 8  DT  A C6    1 
ATOM   159 P P     . DG  A 1 9  ? -3.835  11.541  5.122   1.00 54.68 ? 9  DG  A P     1 
ATOM   160 O OP1   . DG  A 1 9  ? -3.859  11.738  3.638   1.00 86.22 ? 9  DG  A OP1   1 
ATOM   161 O OP2   . DG  A 1 9  ? -3.248  12.590  6.026   1.00 72.28 ? 9  DG  A OP2   1 
ATOM   162 O "O5'" . DG  A 1 9  ? -5.298  11.103  5.559   1.00 54.80 ? 9  DG  A "O5'" 1 
ATOM   163 C "C5'" . DG  A 1 9  ? -6.010  10.064  4.871   1.00 58.48 ? 9  DG  A "C5'" 1 
ATOM   164 C "C4'" . DG  A 1 9  ? -6.807  9.251   5.863   1.00 45.87 ? 9  DG  A "C4'" 1 
ATOM   165 O "O4'" . DG  A 1 9  ? -5.997  8.439   6.751   1.00 44.10 ? 9  DG  A "O4'" 1 
ATOM   166 C "C3'" . DG  A 1 9  ? -7.535  10.156  6.819   1.00 35.75 ? 9  DG  A "C3'" 1 
ATOM   167 O "O3'" . DG  A 1 9  ? -8.560  9.416   7.354   1.00 59.13 ? 9  DG  A "O3'" 1 
ATOM   168 C "C2'" . DG  A 1 9  ? -6.523  10.401  7.921   1.00 31.07 ? 9  DG  A "C2'" 1 
ATOM   169 C "C1'" . DG  A 1 9  ? -5.914  9.029   8.038   1.00 37.50 ? 9  DG  A "C1'" 1 
ATOM   170 N N9    . DG  A 1 9  ? -4.520  9.002   8.483   1.00 45.81 ? 9  DG  A N9    1 
ATOM   171 C C8    . DG  A 1 9  ? -3.618  10.058  8.531   1.00 28.33 ? 9  DG  A C8    1 
ATOM   172 N N7    . DG  A 1 9  ? -2.464  9.706   9.028   1.00 31.49 ? 9  DG  A N7    1 
ATOM   173 C C5    . DG  A 1 9  ? -2.599  8.336   9.296   1.00 31.28 ? 9  DG  A C5    1 
ATOM   174 C C6    . DG  A 1 9  ? -1.689  7.386   9.845   1.00 32.40 ? 9  DG  A C6    1 
ATOM   175 O O6    . DG  A 1 9  ? -0.509  7.532   10.210  1.00 51.59 ? 9  DG  A O6    1 
ATOM   176 N N1    . DG  A 1 9  ? -2.280  6.162   9.971   1.00 41.22 ? 9  DG  A N1    1 
ATOM   177 C C2    . DG  A 1 9  ? -3.553  5.857   9.615   1.00 42.25 ? 9  DG  A C2    1 
ATOM   178 N N2    . DG  A 1 9  ? -3.967  4.609   9.840   1.00 53.02 ? 9  DG  A N2    1 
ATOM   179 N N3    . DG  A 1 9  ? -4.375  6.680   9.092   1.00 40.32 ? 9  DG  A N3    1 
ATOM   180 C C4    . DG  A 1 9  ? -3.856  7.894   8.966   1.00 33.76 ? 9  DG  A C4    1 
ATOM   181 P P     . DG  A 1 10 ? -9.774  10.205  7.973   1.00 60.43 ? 10 DG  A P     1 
ATOM   182 O OP1   . DG  A 1 10 ? -10.829 10.202  6.949   1.00 75.15 ? 10 DG  A OP1   1 
ATOM   183 O OP2   . DG  A 1 10 ? -9.233  11.493  8.456   1.00 57.89 ? 10 DG  A OP2   1 
ATOM   184 O "O5'" . DG  A 1 10 ? -10.134 9.341   9.244   1.00 63.06 ? 10 DG  A "O5'" 1 
ATOM   185 C "C5'" . DG  A 1 10 ? -9.988  7.956   9.223   1.00 38.09 ? 10 DG  A "C5'" 1 
ATOM   186 C "C4'" . DG  A 1 10 ? -9.481  7.531   10.579  1.00 53.82 ? 10 DG  A "C4'" 1 
ATOM   187 O "O4'" . DG  A 1 10 ? -8.077  7.850   10.618  1.00 56.41 ? 10 DG  A "O4'" 1 
ATOM   188 C "C3'" . DG  A 1 10 ? -10.118 8.316   11.728  1.00 52.19 ? 10 DG  A "C3'" 1 
ATOM   189 O "O3'" . DG  A 1 10 ? -10.426 7.323   12.708  1.00 51.92 ? 10 DG  A "O3'" 1 
ATOM   190 C "C2'" . DG  A 1 10 ? -8.982  9.209   12.219  1.00 44.85 ? 10 DG  A "C2'" 1 
ATOM   191 C "C1'" . DG  A 1 10 ? -7.843  8.255   11.942  1.00 36.77 ? 10 DG  A "C1'" 1 
ATOM   192 N N9    . DG  A 1 10 ? -6.524  8.838   11.987  1.00 32.21 ? 10 DG  A N9    1 
ATOM   193 C C8    . DG  A 1 10 ? -6.178  10.141  11.779  1.00 31.29 ? 10 DG  A C8    1 
ATOM   194 N N7    . DG  A 1 10 ? -4.908  10.356  11.996  1.00 31.28 ? 10 DG  A N7    1 
ATOM   195 C C5    . DG  A 1 10 ? -4.402  9.116   12.308  1.00 40.67 ? 10 DG  A C5    1 
ATOM   196 C C6    . DG  A 1 10 ? -3.074  8.723   12.607  1.00 47.80 ? 10 DG  A C6    1 
ATOM   197 O O6    . DG  A 1 10 ? -2.035  9.436   12.655  1.00 48.48 ? 10 DG  A O6    1 
ATOM   198 N N1    . DG  A 1 10 ? -3.001  7.366   12.859  1.00 43.07 ? 10 DG  A N1    1 
ATOM   199 C C2    . DG  A 1 10 ? -4.057  6.496   12.819  1.00 43.44 ? 10 DG  A C2    1 
ATOM   200 N N2    . DG  A 1 10 ? -3.764  5.225   13.096  1.00 38.51 ? 10 DG  A N2    1 
ATOM   201 N N3    . DG  A 1 10 ? -5.298  6.847   12.526  1.00 40.58 ? 10 DG  A N3    1 
ATOM   202 C C4    . DG  A 1 10 ? -5.393  8.161   12.294  1.00 33.22 ? 10 DG  A C4    1 
ATOM   203 O "O5'" . DC  B 1 1  ? 4.076   3.245   16.191  1.00 62.02 ? 1  DC  B "O5'" 1 
ATOM   204 C "C5'" . DC  B 1 1  ? 3.460   3.322   17.504  1.00 61.81 ? 1  DC  B "C5'" 1 
ATOM   205 C "C4'" . DC  B 1 1  ? 2.014   2.875   17.638  1.00 62.07 ? 1  DC  B "C4'" 1 
ATOM   206 O "O4'" . DC  B 1 1  ? 1.176   3.975   17.233  1.00 60.99 ? 1  DC  B "O4'" 1 
ATOM   207 C "C3'" . DC  B 1 1  ? 1.559   1.689   16.773  1.00 64.49 ? 1  DC  B "C3'" 1 
ATOM   208 O "O3'" . DC  B 1 1  ? 0.495   0.907   17.354  1.00 62.26 ? 1  DC  B "O3'" 1 
ATOM   209 C "C2'" . DC  B 1 1  ? 1.041   2.355   15.524  1.00 42.54 ? 1  DC  B "C2'" 1 
ATOM   210 C "C1'" . DC  B 1 1  ? 0.436   3.634   16.065  1.00 48.21 ? 1  DC  B "C1'" 1 
ATOM   211 N N1    . DC  B 1 1  ? 0.504   4.778   15.127  1.00 56.33 ? 1  DC  B N1    1 
ATOM   212 C C2    . DC  B 1 1  ? -0.679  5.363   14.695  1.00 50.85 ? 1  DC  B C2    1 
ATOM   213 O O2    . DC  B 1 1  ? -1.765  4.894   15.095  1.00 59.48 ? 1  DC  B O2    1 
ATOM   214 N N3    . DC  B 1 1  ? -0.623  6.417   13.833  1.00 58.16 ? 1  DC  B N3    1 
ATOM   215 C C4    . DC  B 1 1  ? 0.551   6.891   13.440  1.00 44.88 ? 1  DC  B C4    1 
ATOM   216 N N4    . DC  B 1 1  ? 0.544   7.933   12.611  1.00 64.09 ? 1  DC  B N4    1 
ATOM   217 C C5    . DC  B 1 1  ? 1.773   6.318   13.873  1.00 51.40 ? 1  DC  B C5    1 
ATOM   218 C C6    . DC  B 1 1  ? 1.709   5.270   14.695  1.00 48.22 ? 1  DC  B C6    1 
ATOM   219 P P     . DC  B 1 2  ? 0.382   -0.702  17.026  1.00 63.24 ? 2  DC  B P     1 
ATOM   220 O OP1   . DC  B 1 2  ? -0.431  -1.333  18.136  1.00 69.67 ? 2  DC  B OP1   1 
ATOM   221 O OP2   . DC  B 1 2  ? 1.740   -1.253  16.653  1.00 75.08 ? 2  DC  B OP2   1 
ATOM   222 O "O5'" . DC  B 1 2  ? -0.481  -0.826  15.671  1.00 94.47 ? 2  DC  B "O5'" 1 
ATOM   223 C "C5'" . DC  B 1 2  ? -1.927  -0.722  15.666  1.00 62.76 ? 2  DC  B "C5'" 1 
ATOM   224 C "C4'" . DC  B 1 2  ? -2.415  -0.614  14.237  1.00 66.05 ? 2  DC  B "C4'" 1 
ATOM   225 O "O4'" . DC  B 1 2  ? -2.198  0.712   13.623  1.00 54.57 ? 2  DC  B "O4'" 1 
ATOM   226 C "C3'" . DC  B 1 2  ? -1.680  -1.604  13.326  1.00 56.27 ? 2  DC  B "C3'" 1 
ATOM   227 O "O3'" . DC  B 1 2  ? -2.596  -1.958  12.341  1.00 68.84 ? 2  DC  B "O3'" 1 
ATOM   228 C "C2'" . DC  B 1 2  ? -0.622  -0.741  12.647  1.00 62.63 ? 2  DC  B "C2'" 1 
ATOM   229 C "C1'" . DC  B 1 2  ? -1.431  0.516   12.404  1.00 67.00 ? 2  DC  B "C1'" 1 
ATOM   230 N N1    . DC  B 1 2  ? -0.700  1.764   11.986  1.00 61.00 ? 2  DC  B N1    1 
ATOM   231 C C2    . DC  B 1 2  ? -1.435  2.844   11.354  1.00 42.36 ? 2  DC  B C2    1 
ATOM   232 O O2    . DC  B 1 2  ? -2.607  2.693   11.054  1.00 58.68 ? 2  DC  B O2    1 
ATOM   233 N N3    . DC  B 1 2  ? -0.824  4.007   11.078  1.00 42.60 ? 2  DC  B N3    1 
ATOM   234 C C4    . DC  B 1 2  ? 0.472   4.170   11.347  1.00 37.77 ? 2  DC  B C4    1 
ATOM   235 N N4    . DC  B 1 2  ? 1.029   5.407   11.114  1.00 43.62 ? 2  DC  B N4    1 
ATOM   236 C C5    . DC  B 1 2  ? 1.264   3.099   11.885  1.00 40.55 ? 2  DC  B C5    1 
ATOM   237 C C6    . DC  B 1 2  ? 0.636   1.910   12.197  1.00 39.98 ? 2  DC  B C6    1 
ATOM   238 P P     . DA  B 1 3  ? -3.410  -3.314  12.491  1.00 64.20 ? 3  DA  B P     1 
ATOM   239 O OP1   . DA  B 1 3  ? -3.960  -3.274  13.874  1.00 95.70 ? 3  DA  B OP1   1 
ATOM   240 O OP2   . DA  B 1 3  ? -2.494  -4.413  12.057  1.00 83.99 ? 3  DA  B OP2   1 
ATOM   241 O "O5'" . DA  B 1 3  ? -4.617  -3.216  11.439  1.00 54.27 ? 3  DA  B "O5'" 1 
ATOM   242 C "C5'" . DA  B 1 3  ? -5.598  -2.197  11.567  1.00 60.09 ? 3  DA  B "C5'" 1 
ATOM   243 C "C4'" . DA  B 1 3  ? -6.067  -1.752  10.206  1.00 48.94 ? 3  DA  B "C4'" 1 
ATOM   244 O "O4'" . DA  B 1 3  ? -5.229  -0.734  9.608   1.00 58.61 ? 3  DA  B "O4'" 1 
ATOM   245 C "C3'" . DA  B 1 3  ? -6.122  -2.881  9.189   1.00 41.23 ? 3  DA  B "C3'" 1 
ATOM   246 O "O3'" . DA  B 1 3  ? -7.192  -2.546  8.349   1.00 61.32 ? 3  DA  B "O3'" 1 
ATOM   247 C "C2'" . DA  B 1 3  ? -4.784  -2.772  8.468   1.00 62.47 ? 3  DA  B "C2'" 1 
ATOM   248 C "C1'" . DA  B 1 3  ? -4.525  -1.262  8.472   1.00 60.80 ? 3  DA  B "C1'" 1 
ATOM   249 N N9    . DA  B 1 3  ? -3.121  -0.828  8.579   1.00 57.99 ? 3  DA  B N9    1 
ATOM   250 C C8    . DA  B 1 3  ? -2.020  -1.491  9.085   1.00 55.64 ? 3  DA  B C8    1 
ATOM   251 N N7    . DA  B 1 3  ? -0.929  -0.773  9.090   1.00 43.98 ? 3  DA  B N7    1 
ATOM   252 C C5    . DA  B 1 3  ? -1.326  0.449   8.539   1.00 65.66 ? 3  DA  B C5    1 
ATOM   253 C C6    . DA  B 1 3  ? -0.632  1.669   8.281   1.00 35.90 ? 3  DA  B C6    1 
ATOM   254 N N6    . DA  B 1 3  ? 0.659   1.862   8.562   1.00 65.05 ? 3  DA  B N6    1 
ATOM   255 N N1    . DA  B 1 3  ? -1.325  2.680   7.718   1.00 51.29 ? 3  DA  B N1    1 
ATOM   256 C C2    . DA  B 1 3  ? -2.629  2.493   7.430   1.00 51.57 ? 3  DA  B C2    1 
ATOM   257 N N3    . DA  B 1 3  ? -3.390  1.418   7.620   1.00 58.05 ? 3  DA  B N3    1 
ATOM   258 C C4    . DA  B 1 3  ? -2.672  0.419   8.194   1.00 70.62 ? 3  DA  B C4    1 
ATOM   259 P P     . DG  B 1 4  ? -7.851  -3.654  7.405   1.00 67.07 ? 4  DG  B P     1 
ATOM   260 O OP1   . DG  B 1 4  ? -9.299  -3.590  7.726   1.00 72.55 ? 4  DG  B OP1   1 
ATOM   261 O OP2   . DG  B 1 4  ? -7.136  -4.984  7.493   1.00 52.26 ? 4  DG  B OP2   1 
ATOM   262 O "O5'" . DG  B 1 4  ? -7.610  -2.932  5.997   1.00 74.66 ? 4  DG  B "O5'" 1 
ATOM   263 C "C5'" . DG  B 1 4  ? -7.921  -1.523  5.865   1.00 88.50 ? 4  DG  B "C5'" 1 
ATOM   264 C "C4'" . DG  B 1 4  ? -7.399  -0.941  4.559   1.00 61.05 ? 4  DG  B "C4'" 1 
ATOM   265 O "O4'" . DG  B 1 4  ? -6.058  -0.378  4.638   1.00 58.35 ? 4  DG  B "O4'" 1 
ATOM   266 C "C3'" . DG  B 1 4  ? -7.302  -2.032  3.511   1.00 51.59 ? 4  DG  B "C3'" 1 
ATOM   267 O "O3'" . DG  B 1 4  ? -7.534  -1.438  2.240   1.00 72.15 ? 4  DG  B "O3'" 1 
ATOM   268 C "C2'" . DG  B 1 4  ? -5.853  -2.485  3.661   1.00 47.77 ? 4  DG  B "C2'" 1 
ATOM   269 C "C1'" . DG  B 1 4  ? -5.208  -1.139  3.776   1.00 39.89 ? 4  DG  B "C1'" 1 
ATOM   270 N N9    . DG  B 1 4  ? -3.863  -1.114  4.318   1.00 50.08 ? 4  DG  B N9    1 
ATOM   271 C C8    . DG  B 1 4  ? -3.279  -2.045  5.139   1.00 52.57 ? 4  DG  B C8    1 
ATOM   272 N N7    . DG  B 1 4  ? -2.069  -1.713  5.507   1.00 61.17 ? 4  DG  B N7    1 
ATOM   273 C C5    . DG  B 1 4  ? -1.844  -0.495  4.876   1.00 41.47 ? 4  DG  B C5    1 
ATOM   274 C C6    . DG  B 1 4  ? -0.723  0.390   4.934   1.00 32.13 ? 4  DG  B C6    1 
ATOM   275 O O6    . DG  B 1 4  ? 0.331   0.300   5.613   1.00 34.81 ? 4  DG  B O6    1 
ATOM   276 N N1    . DG  B 1 4  ? -0.924  1.500   4.113   1.00 45.33 ? 4  DG  B N1    1 
ATOM   277 C C2    . DG  B 1 4  ? -2.045  1.745   3.365   1.00 33.03 ? 4  DG  B C2    1 
ATOM   278 N N2    . DG  B 1 4  ? -2.032  2.848   2.633   1.00 31.52 ? 4  DG  B N2    1 
ATOM   279 N N3    . DG  B 1 4  ? -3.100  0.963   3.334   1.00 43.04 ? 4  DG  B N3    1 
ATOM   280 C C4    . DG  B 1 4  ? -2.934  -0.126  4.112   1.00 39.24 ? 4  DG  B C4    1 
ATOM   281 P P     . DA  B 1 5  ? -8.659  -2.031  1.252   1.00 57.01 ? 5  DA  B P     1 
ATOM   282 O OP1   . DA  B 1 5  ? -9.967  -2.157  1.977   1.00 41.56 ? 5  DA  B OP1   1 
ATOM   283 O OP2   . DA  B 1 5  ? -8.073  -3.207  0.508   1.00 58.97 ? 5  DA  B OP2   1 
ATOM   284 O "O5'" . DA  B 1 5  ? -8.762  -0.818  0.254   1.00 42.07 ? 5  DA  B "O5'" 1 
ATOM   285 C "C5'" . DA  B 1 5  ? -8.756  0.513   0.739   1.00 37.13 ? 5  DA  B "C5'" 1 
ATOM   286 C "C4'" . DA  B 1 5  ? -7.959  1.369   -0.196  1.00 45.08 ? 5  DA  B "C4'" 1 
ATOM   287 O "O4'" . DA  B 1 5  ? -6.549  1.332   0.096   1.00 59.99 ? 5  DA  B "O4'" 1 
ATOM   288 C "C3'" . DA  B 1 5  ? -8.056  0.939   -1.659  1.00 62.69 ? 5  DA  B "C3'" 1 
ATOM   289 O "O3'" . DA  B 1 5  ? -7.999  2.123   -2.441  1.00 52.52 ? 5  DA  B "O3'" 1 
ATOM   290 C "C2'" . DA  B 1 5  ? -6.822  0.078   -1.872  1.00 50.56 ? 5  DA  B "C2'" 1 
ATOM   291 C "C1'" . DA  B 1 5  ? -5.829  0.803   -1.018  1.00 43.19 ? 5  DA  B "C1'" 1 
ATOM   292 N N9    . DA  B 1 5  ? -4.851  -0.084  -0.458  1.00 39.12 ? 5  DA  B N9    1 
ATOM   293 C C8    . DA  B 1 5  ? -5.008  -1.344  0.030   1.00 22.50 ? 5  DA  B C8    1 
ATOM   294 N N7    . DA  B 1 5  ? -3.938  -1.802  0.614   1.00 31.72 ? 5  DA  B N7    1 
ATOM   295 C C5    . DA  B 1 5  ? -3.016  -0.772  0.473   1.00 41.17 ? 5  DA  B C5    1 
ATOM   296 C C6    . DA  B 1 5  ? -1.689  -0.602  0.867   1.00 37.39 ? 5  DA  B C6    1 
ATOM   297 N N6    . DA  B 1 5  ? -1.033  -1.461  1.623   1.00 34.46 ? 5  DA  B N6    1 
ATOM   298 N N1    . DA  B 1 5  ? -1.047  0.507   0.481   1.00 35.67 ? 5  DA  B N1    1 
ATOM   299 C C2    . DA  B 1 5  ? -1.694  1.397   -0.223  1.00 39.38 ? 5  DA  B C2    1 
ATOM   300 N N3    . DA  B 1 5  ? -2.938  1.389   -0.621  1.00 44.61 ? 5  DA  B N3    1 
ATOM   301 C C4    . DA  B 1 5  ? -3.547  0.264   -0.236  1.00 35.45 ? 5  DA  B C4    1 
ATOM   302 P P     . DT  B 1 6  ? -8.137  2.034   -4.031  1.00 51.49 ? 6  DT  B P     1 
ATOM   303 O OP1   . DT  B 1 6  ? -9.086  3.080   -4.527  1.00 76.26 ? 6  DT  B OP1   1 
ATOM   304 O OP2   . DT  B 1 6  ? -8.352  0.605   -4.413  1.00 57.12 ? 6  DT  B OP2   1 
ATOM   305 O "O5'" . DT  B 1 6  ? -6.671  2.457   -4.475  1.00 57.99 ? 6  DT  B "O5'" 1 
ATOM   306 C "C5'" . DT  B 1 6  ? -6.089  3.626   -3.938  1.00 38.24 ? 6  DT  B "C5'" 1 
ATOM   307 C "C4'" . DT  B 1 6  ? -4.668  3.723   -4.382  1.00 57.51 ? 6  DT  B "C4'" 1 
ATOM   308 O "O4'" . DT  B 1 6  ? -3.914  2.704   -3.707  1.00 43.47 ? 6  DT  B "O4'" 1 
ATOM   309 C "C3'" . DT  B 1 6  ? -4.456  3.501   -5.870  1.00 45.33 ? 6  DT  B "C3'" 1 
ATOM   310 O "O3'" . DT  B 1 6  ? -3.529  4.476   -6.278  1.00 49.99 ? 6  DT  B "O3'" 1 
ATOM   311 C "C2'" . DT  B 1 6  ? -3.816  2.125   -5.942  1.00 53.97 ? 6  DT  B "C2'" 1 
ATOM   312 C "C1'" . DT  B 1 6  ? -3.046  2.107   -4.630  1.00 51.48 ? 6  DT  B "C1'" 1 
ATOM   313 N N1    . DT  B 1 6  ? -2.678  0.813   -4.066  1.00 55.64 ? 6  DT  B N1    1 
ATOM   314 C C2    . DT  B 1 6  ? -1.481  0.682   -3.343  1.00 53.56 ? 6  DT  B C2    1 
ATOM   315 O O2    . DT  B 1 6  ? -0.682  1.565   -3.124  1.00 37.94 ? 6  DT  B O2    1 
ATOM   316 N N3    . DT  B 1 6  ? -1.270  -0.537  -2.847  1.00 42.01 ? 6  DT  B N3    1 
ATOM   317 C C4    . DT  B 1 6  ? -2.089  -1.616  -2.916  1.00 36.98 ? 6  DT  B C4    1 
ATOM   318 O O4    . DT  B 1 6  ? -1.735  -2.615  -2.360  1.00 28.87 ? 6  DT  B O4    1 
ATOM   319 C C5    . DT  B 1 6  ? -3.329  -1.427  -3.663  1.00 28.51 ? 6  DT  B C5    1 
ATOM   320 C C7    . DT  B 1 6  ? -4.305  -2.535  -3.730  1.00 27.75 ? 6  DT  B C7    1 
ATOM   321 C C6    . DT  B 1 6  ? -3.545  -0.243  -4.223  1.00 29.94 ? 6  DT  B C6    1 
ATOM   322 P P     . DC  B 1 7  ? -3.590  5.008   -7.754  1.00 74.93 ? 7  DC  B P     1 
ATOM   323 O OP1   . DC  B 1 7  ? -4.176  6.401   -7.973  1.00 96.61 ? 7  DC  B OP1   1 
ATOM   324 O OP2   . DC  B 1 7  ? -4.071  3.812   -8.502  1.00 65.58 ? 7  DC  B OP2   1 
ATOM   325 O "O5'" . DC  B 1 7  ? -2.101  5.104   -8.175  1.00 70.23 ? 7  DC  B "O5'" 1 
ATOM   326 C "C5'" . DC  B 1 7  ? -1.447  3.938   -8.419  1.00 46.93 ? 7  DC  B "C5'" 1 
ATOM   327 C "C4'" . DC  B 1 7  ? -0.035  4.068   -7.977  1.00 58.92 ? 7  DC  B "C4'" 1 
ATOM   328 O "O4'" . DC  B 1 7  ? 0.070   2.960   -7.056  1.00 54.37 ? 7  DC  B "O4'" 1 
ATOM   329 C "C3'" . DC  B 1 7  ? 0.800   3.709   -9.180  1.00 48.82 ? 7  DC  B "C3'" 1 
ATOM   330 O "O3'" . DC  B 1 7  ? 2.071   4.326   -9.145  1.00 64.50 ? 7  DC  B "O3'" 1 
ATOM   331 C "C2'" . DC  B 1 7  ? 0.824   2.184   -9.128  1.00 66.72 ? 7  DC  B "C2'" 1 
ATOM   332 C "C1'" . DC  B 1 7  ? 0.729   1.861   -7.635  1.00 58.39 ? 7  DC  B "C1'" 1 
ATOM   333 N N1    . DC  B 1 7  ? 0.003   0.605   -7.261  1.00 50.58 ? 7  DC  B N1    1 
ATOM   334 C C2    . DC  B 1 7  ? 0.532   -0.294  -6.306  1.00 40.78 ? 7  DC  B C2    1 
ATOM   335 O O2    . DC  B 1 7  ? 1.536   -0.013  -5.664  1.00 47.08 ? 7  DC  B O2    1 
ATOM   336 N N3    . DC  B 1 7  ? -0.077  -1.435  -6.078  1.00 42.41 ? 7  DC  B N3    1 
ATOM   337 C C4    . DC  B 1 7  ? -1.184  -1.735  -6.721  1.00 35.23 ? 7  DC  B C4    1 
ATOM   338 N N4    . DC  B 1 7  ? -1.724  -2.912  -6.488  1.00 36.19 ? 7  DC  B N4    1 
ATOM   339 C C5    . DC  B 1 7  ? -1.780  -0.844  -7.641  1.00 39.95 ? 7  DC  B C5    1 
ATOM   340 C C6    . DC  B 1 7  ? -1.157  0.313   -7.872  1.00 45.06 ? 7  DC  B C6    1 
ATOM   341 P P     . DT  B 1 8  ? 3.020   4.251   -10.464 1.00 57.65 ? 8  DT  B P     1 
ATOM   342 O OP1   . DT  B 1 8  ? 4.155   5.265   -10.438 1.00 63.08 ? 8  DT  B OP1   1 
ATOM   343 O OP2   . DT  B 1 8  ? 2.061   4.224   -11.606 1.00 58.75 ? 8  DT  B OP2   1 
ATOM   344 O "O5'" . DT  B 1 8  ? 3.705   2.813   -10.408 1.00 65.41 ? 8  DT  B "O5'" 1 
ATOM   345 C "C5'" . DT  B 1 8  ? 4.612   2.432   -9.336  1.00 76.86 ? 8  DT  B "C5'" 1 
ATOM   346 C "C4'" . DT  B 1 8  ? 4.955   0.963   -9.410  1.00 69.56 ? 8  DT  B "C4'" 1 
ATOM   347 O "O4'" . DT  B 1 8  ? 3.900   0.043   -8.985  1.00 81.72 ? 8  DT  B "O4'" 1 
ATOM   348 C "C3'" . DT  B 1 8  ? 5.291   0.529   -10.824 1.00 73.97 ? 8  DT  B "C3'" 1 
ATOM   349 O "O3'" . DT  B 1 8  ? 6.406   -0.298  -10.723 1.00 76.55 ? 8  DT  B "O3'" 1 
ATOM   350 C "C2'" . DT  B 1 8  ? 4.100   -0.329  -11.240 1.00 53.21 ? 8  DT  B "C2'" 1 
ATOM   351 C "C1'" . DT  B 1 8  ? 3.798   -1.014  -9.928  1.00 50.43 ? 8  DT  B "C1'" 1 
ATOM   352 N N1    . DT  B 1 8  ? 2.445   -1.626  -9.818  1.00 38.06 ? 8  DT  B N1    1 
ATOM   353 C C2    . DT  B 1 8  ? 2.328   -2.737  -9.028  1.00 42.98 ? 8  DT  B C2    1 
ATOM   354 O O2    . DT  B 1 8  ? 3.279   -3.185  -8.419  1.00 50.31 ? 8  DT  B O2    1 
ATOM   355 N N3    . DT  B 1 8  ? 1.059   -3.324  -9.010  1.00 39.80 ? 8  DT  B N3    1 
ATOM   356 C C4    . DT  B 1 8  ? -0.066  -2.895  -9.697  1.00 40.40 ? 8  DT  B C4    1 
ATOM   357 O O4    . DT  B 1 8  ? -1.126  -3.514  -9.590  1.00 35.19 ? 8  DT  B O4    1 
ATOM   358 C C5    . DT  B 1 8  ? 0.133   -1.680  -10.493 1.00 46.07 ? 8  DT  B C5    1 
ATOM   359 C C7    . DT  B 1 8  ? -1.023  -1.075  -11.226 1.00 37.85 ? 8  DT  B C7    1 
ATOM   360 C C6    . DT  B 1 8  ? 1.364   -1.117  -10.500 1.00 44.95 ? 8  DT  B C6    1 
ATOM   361 P P     . DG  B 1 9  ? 7.640   -0.059  -11.714 1.00 67.34 ? 9  DG  B P     1 
ATOM   362 O OP1   . DG  B 1 9  ? 8.351   1.162   -11.237 1.00 99.87 ? 9  DG  B OP1   1 
ATOM   363 O OP2   . DG  B 1 9  ? 7.071   -0.099  -13.128 1.00 68.85 ? 9  DG  B OP2   1 
ATOM   364 O "O5'" . DG  B 1 9  ? 8.554   -1.327  -11.445 1.00 59.36 ? 9  DG  B "O5'" 1 
ATOM   365 C "C5'" . DG  B 1 9  ? 8.813   -1.765  -10.129 1.00 62.81 ? 9  DG  B "C5'" 1 
ATOM   366 C "C4'" . DG  B 1 9  ? 8.868   -3.274  -10.106 1.00 41.03 ? 9  DG  B "C4'" 1 
ATOM   367 O "O4'" . DG  B 1 9  ? 7.549   -3.859  -10.136 1.00 50.76 ? 9  DG  B "O4'" 1 
ATOM   368 C "C3'" . DG  B 1 9  ? 9.533   -3.809  -11.354 1.00 37.03 ? 9  DG  B "C3'" 1 
ATOM   369 O "O3'" . DG  B 1 9  ? 10.000  -5.073  -10.999 1.00 61.51 ? 9  DG  B "O3'" 1 
ATOM   370 C "C2'" . DG  B 1 9  ? 8.357   -3.994  -12.294 1.00 42.62 ? 9  DG  B "C2'" 1 
ATOM   371 C "C1'" . DG  B 1 9  ? 7.344   -4.550  -11.365 1.00 37.57 ? 9  DG  B "C1'" 1 
ATOM   372 N N9    . DG  B 1 9  ? 5.961   -4.362  -11.780 1.00 34.18 ? 9  DG  B N9    1 
ATOM   373 C C8    . DG  B 1 9  ? 5.476   -3.478  -12.706 1.00 26.29 ? 9  DG  B C8    1 
ATOM   374 N N7    . DG  B 1 9  ? 4.172   -3.557  -12.867 1.00 41.31 ? 9  DG  B N7    1 
ATOM   375 C C5    . DG  B 1 9  ? 3.763   -4.541  -11.977 1.00 46.01 ? 9  DG  B C5    1 
ATOM   376 C C6    . DG  B 1 9  ? 2.477   -5.096  -11.725 1.00 24.63 ? 9  DG  B C6    1 
ATOM   377 O O6    . DG  B 1 9  ? 1.387   -4.813  -12.242 1.00 44.35 ? 9  DG  B O6    1 
ATOM   378 N N1    . DG  B 1 9  ? 2.553   -6.099  -10.764 1.00 52.33 ? 9  DG  B N1    1 
ATOM   379 C C2    . DG  B 1 9  ? 3.725   -6.519  -10.138 1.00 30.12 ? 9  DG  B C2    1 
ATOM   380 N N2    . DG  B 1 9  ? 3.610   -7.483  -9.226  1.00 69.82 ? 9  DG  B N2    1 
ATOM   381 N N3    . DG  B 1 9  ? 4.912   -6.036  -10.381 1.00 30.71 ? 9  DG  B N3    1 
ATOM   382 C C4    . DG  B 1 9  ? 4.869   -5.053  -11.295 1.00 42.64 ? 9  DG  B C4    1 
ATOM   383 P P     . DG  B 1 10 ? 11.327  -5.642  -11.657 1.00 62.64 ? 10 DG  B P     1 
ATOM   384 O OP1   . DG  B 1 10 ? 12.360  -5.259  -10.686 1.00 72.60 ? 10 DG  B OP1   1 
ATOM   385 O OP2   . DG  B 1 10 ? 11.439  -5.197  -13.074 1.00 72.89 ? 10 DG  B OP2   1 
ATOM   386 O "O5'" . DG  B 1 10 ? 11.009  -7.186  -11.555 1.00 54.37 ? 10 DG  B "O5'" 1 
ATOM   387 C "C5'" . DG  B 1 10 ? 10.313  -7.673  -10.419 1.00 34.02 ? 10 DG  B "C5'" 1 
ATOM   388 C "C4'" . DG  B 1 10 ? 9.299   -8.702  -10.836 1.00 45.01 ? 10 DG  B "C4'" 1 
ATOM   389 O "O4'" . DG  B 1 10 ? 8.117   -8.068  -11.380 1.00 53.97 ? 10 DG  B "O4'" 1 
ATOM   390 C "C3'" . DG  B 1 10 ? 9.812   -9.669  -11.916 1.00 43.46 ? 10 DG  B "C3'" 1 
ATOM   391 O "O3'" . DG  B 1 10 ? 9.569   -11.008 -11.456 1.00 56.47 ? 10 DG  B "O3'" 1 
ATOM   392 C "C2'" . DG  B 1 10 ? 9.063   -9.264  -13.173 1.00 35.61 ? 10 DG  B "C2'" 1 
ATOM   393 C "C1'" . DG  B 1 10 ? 7.763   -8.789  -12.564 1.00 47.71 ? 10 DG  B "C1'" 1 
ATOM   394 N N9    . DG  B 1 10 ? 6.899   -7.948  -13.395 1.00 50.96 ? 10 DG  B N9    1 
ATOM   395 C C8    . DG  B 1 10 ? 7.250   -6.962  -14.290 1.00 36.82 ? 10 DG  B C8    1 
ATOM   396 N N7    . DG  B 1 10 ? 6.212   -6.398  -14.842 1.00 42.37 ? 10 DG  B N7    1 
ATOM   397 C C5    . DG  B 1 10 ? 5.136   -7.051  -14.289 1.00 30.22 ? 10 DG  B C5    1 
ATOM   398 C C6    . DG  B 1 10 ? 3.775   -6.861  -14.493 1.00 37.64 ? 10 DG  B C6    1 
ATOM   399 O O6    . DG  B 1 10 ? 3.217   -6.025  -15.211 1.00 58.60 ? 10 DG  B O6    1 
ATOM   400 N N1    . DG  B 1 10 ? 3.022   -7.752  -13.745 1.00 59.51 ? 10 DG  B N1    1 
ATOM   401 C C2    . DG  B 1 10 ? 3.532   -8.705  -12.892 1.00 41.46 ? 10 DG  B C2    1 
ATOM   402 N N2    . DG  B 1 10 ? 2.640   -9.504  -12.302 1.00 40.47 ? 10 DG  B N2    1 
ATOM   403 N N3    . DG  B 1 10 ? 4.812   -8.864  -12.662 1.00 40.45 ? 10 DG  B N3    1 
ATOM   404 C C4    . DG  B 1 10 ? 5.546   -8.019  -13.393 1.00 40.25 ? 10 DG  B C4    1 
HETATM 405 C C     . IPY C 2 .  ? 5.582   1.719   -2.801  1.00 29.49 ? 12 IPY A C     1 
HETATM 406 C C1    . IPY C 2 .  ? 0.726   5.760   -0.253  1.00 34.81 ? 12 IPY A C1    1 
HETATM 407 C C2    . IPY C 2 .  ? 6.562   2.659   -3.158  1.00 39.34 ? 12 IPY A C2    1 
HETATM 408 C C3    . IPY C 2 .  ? 6.925   5.143   -3.190  1.00 44.11 ? 12 IPY A C3    1 
HETATM 409 C C4    . IPY C 2 .  ? 4.783   3.841   -2.516  1.00 27.18 ? 12 IPY A C4    1 
HETATM 410 C C5    . IPY C 2 .  ? 3.936   4.968   -2.163  1.00 48.86 ? 12 IPY A C5    1 
HETATM 411 C C6    . IPY C 2 .  ? 1.802   5.853   -1.162  1.00 57.92 ? 12 IPY A C6    1 
HETATM 412 C C8    . IPY C 2 .  ? 1.759   7.148   -1.680  1.00 46.47 ? 12 IPY A C8    1 
HETATM 413 C C9    . IPY C 2 .  ? 0.424   9.264   -1.536  1.00 54.30 ? 12 IPY A C9    1 
HETATM 414 C C10   . IPY C 2 .  ? 0.064   6.989   -0.256  1.00 63.74 ? 12 IPY A C10   1 
HETATM 415 C C11   . IPY C 2 .  ? -1.139  7.352   0.479   1.00 56.64 ? 12 IPY A C11   1 
HETATM 416 C C12   . IPY C 2 .  ? -2.941  6.678   2.002   1.00 49.48 ? 12 IPY A C12   1 
HETATM 417 C C13   . IPY C 2 .  ? -3.469  5.970   3.086   1.00 32.37 ? 12 IPY A C13   1 
HETATM 418 C C14   . IPY C 2 .  ? -3.943  7.582   1.588   1.00 46.12 ? 12 IPY A C14   1 
HETATM 419 C C15   . IPY C 2 .  ? -6.310  8.263   2.143   1.00 51.40 ? 12 IPY A C15   1 
HETATM 420 C C16   . IPY C 2 .  ? -4.782  6.465   3.305   1.00 41.84 ? 12 IPY A C16   1 
HETATM 421 C C18   . IPY C 2 .  ? -8.199  3.559   10.178  1.00 96.02 ? 12 IPY A C18   1 
HETATM 422 C C19   . IPY C 2 .  ? -7.834  3.344   11.670  1.00 69.78 ? 12 IPY A C19   1 
HETATM 423 C C20   . IPY C 2 .  ? -9.071  2.901   12.499  1.00 82.03 ? 12 IPY A C20   1 
HETATM 424 C C21   . IPY C 2 .  ? -7.774  1.251   13.859  1.00 83.87 ? 12 IPY A C21   1 
HETATM 425 C C22   . IPY C 2 .  ? -10.250 1.209   13.904  1.00 93.74 ? 12 IPY A C22   1 
HETATM 426 C C23   . IPY C 2 .  ? -5.621  6.034   4.294   1.00 61.41 ? 12 IPY A C23   1 
HETATM 427 C C24   . IPY C 2 .  ? 6.780   -0.440  -3.017  1.00 42.39 ? 12 IPY A C24   1 
HETATM 428 C C25   . IPY C 2 .  ? 6.656   -1.820  -3.065  1.00 30.31 ? 12 IPY A C25   1 
HETATM 429 C C26   . IPY C 2 .  ? 5.849   -3.835  -2.943  1.00 39.88 ? 12 IPY A C26   1 
HETATM 430 C C27   . IPY C 2 .  ? 7.180   -3.938  -3.246  1.00 45.58 ? 12 IPY A C27   1 
HETATM 431 C C28   . IPY C 2 .  ? 9.117   -2.415  -3.685  1.00 39.58 ? 12 IPY A C28   1 
HETATM 432 C C29   . IPY C 2 .  ? -5.535  4.981   6.611   1.00 73.36 ? 12 IPY A C29   1 
HETATM 433 C C30   . IPY C 2 .  ? -6.791  5.622   7.217   1.00 89.11 ? 12 IPY A C30   1 
HETATM 434 C C31   . IPY C 2 .  ? -7.703  4.762   8.109   1.00 92.87 ? 12 IPY A C31   1 
HETATM 435 C C32   . IPY C 2 .  ? 4.491   2.467   -2.411  1.00 37.84 ? 12 IPY A C32   1 
HETATM 436 O O1    . IPY C 2 .  ? 4.367   6.100   -2.447  1.00 43.35 ? 12 IPY A O1    1 
HETATM 437 O O2    . IPY C 2 .  ? -1.675  8.449   0.220   1.00 64.33 ? 12 IPY A O2    1 
HETATM 438 O O3    . IPY C 2 .  ? -6.882  6.092   4.096   1.00 35.72 ? 12 IPY A O3    1 
HETATM 439 O O4    . IPY C 2 .  ? 7.940   0.037   -3.081  1.00 45.31 ? 12 IPY A O4    1 
HETATM 440 O O5    . IPY C 2 .  ? -8.769  4.335   7.650   1.00 92.87 ? 12 IPY A O5    1 
HETATM 441 N N     . IPY C 2 .  ? 6.087   3.941   -2.957  1.00 36.88 ? 12 IPY A N     1 
HETATM 442 N N1    . IPY C 2 .  ? 2.736   4.804   -1.488  1.00 47.02 ? 12 IPY A N1    1 
HETATM 443 N N3    . IPY C 2 .  ? 0.709   7.860   -1.151  1.00 49.65 ? 12 IPY A N3    1 
HETATM 444 N N4    . IPY C 2 .  ? -1.714  6.458   1.360   1.00 60.39 ? 12 IPY A N4    1 
HETATM 445 N N5    . IPY C 2 .  ? -5.062  7.453   2.379   1.00 64.15 ? 12 IPY A N5    1 
HETATM 446 N N6    . IPY C 2 .  ? -7.333  4.413   9.359   1.00 68.79 ? 12 IPY A N6    1 
HETATM 447 N N7    . IPY C 2 .  ? -9.018  2.035   13.735  1.00 92.87 ? 12 IPY A N7    1 
HETATM 448 N N8    . IPY C 2 .  ? 5.651   0.314   -2.853  1.00 42.54 ? 12 IPY A N8    1 
HETATM 449 N N9    . IPY C 2 .  ? 7.703   -2.673  -3.348  1.00 48.42 ? 12 IPY A N9    1 
HETATM 450 N N10   . IPY C 2 .  ? 5.518   -2.515  -2.808  1.00 39.88 ? 12 IPY A N10   1 
HETATM 451 N N11   . IPY C 2 .  ? -5.028  5.557   5.384   1.00 50.63 ? 12 IPY A N11   1 
HETATM 452 C C     . IPY D 2 .  ? -3.168  4.997   -1.481  1.00 39.17 ? 11 IPY B C     1 
HETATM 453 C C1    . IPY D 2 .  ? 2.202   2.995   -4.815  1.00 41.64 ? 11 IPY B C1    1 
HETATM 454 C C2    . IPY D 2 .  ? -3.527  6.156   -2.169  1.00 41.69 ? 11 IPY B C2    1 
HETATM 455 C C3    . IPY D 2 .  ? -2.750  7.599   -4.075  1.00 36.35 ? 11 IPY B C3    1 
HETATM 456 C C4    . IPY D 2 .  ? -1.635  5.424   -3.086  1.00 33.10 ? 11 IPY B C4    1 
HETATM 457 C C5    . IPY D 2 .  ? -0.474  5.337   -3.905  1.00 60.36 ? 11 IPY B C5    1 
HETATM 458 C C6    . IPY D 2 .  ? 1.478   4.138   -4.588  1.00 50.45 ? 11 IPY B C6    1 
HETATM 459 C C8    . IPY D 2 .  ? 2.177   5.198   -5.141  1.00 44.13 ? 11 IPY B C8    1 
HETATM 460 C C9    . IPY D 2 .  ? 4.296   5.643   -6.409  1.00 56.38 ? 11 IPY B C9    1 
HETATM 461 C C10   . IPY D 2 .  ? 3.331   3.354   -5.521  1.00 72.57 ? 11 IPY B C10   1 
HETATM 462 C C11   . IPY D 2 .  ? 4.387   2.470   -5.916  1.00 66.98 ? 11 IPY B C11   1 
HETATM 463 C C12   . IPY D 2 .  ? 5.317   0.270   -6.078  1.00 45.95 ? 11 IPY B C12   1 
HETATM 464 C C13   . IPY D 2 .  ? 5.290   -1.114  -6.308  1.00 28.85 ? 11 IPY B C13   1 
HETATM 465 C C14   . IPY D 2 .  ? 6.661   0.643   -6.077  1.00 57.70 ? 11 IPY B C14   1 
HETATM 466 C C15   . IPY D 2 .  ? 8.956   -0.296  -6.323  1.00 38.02 ? 11 IPY B C15   1 
HETATM 467 C C16   . IPY D 2 .  ? 6.656   -1.540  -6.437  1.00 57.53 ? 11 IPY B C16   1 
HETATM 468 C C18   . IPY D 2 .  ? 6.522   -10.301 -7.468  1.00 79.19 ? 11 IPY B C18   1 
HETATM 469 C C19   . IPY D 2 .  ? 6.111   -11.301 -8.652  1.00 41.90 ? 11 IPY B C19   1 
HETATM 470 C C20   . IPY D 2 .  ? 6.695   -12.814 -8.618  1.00 94.04 ? 11 IPY B C20   1 
HETATM 471 C C21   . IPY D 2 .  ? 4.599   -14.447 -8.752  1.00 95.70 ? 11 IPY B C21   1 
HETATM 472 C C22   . IPY D 2 .  ? 6.695   -15.266 -7.576  1.00 92.87 ? 11 IPY B C22   1 
HETATM 473 C C23   . IPY D 2 .  ? 7.088   -2.860  -6.716  1.00 54.53 ? 11 IPY B C23   1 
HETATM 474 C C24   . IPY D 2 .  ? -5.110  4.637   -0.070  1.00 59.06 ? 11 IPY B C24   1 
HETATM 475 C C25   . IPY D 2 .  ? -5.628  3.991   1.026   1.00 44.35 ? 11 IPY B C25   1 
HETATM 476 C C26   . IPY D 2 .  ? -5.809  2.616   2.718   1.00 37.08 ? 11 IPY B C26   1 
HETATM 477 C C27   . IPY D 2 .  ? -6.974  3.337   2.626   1.00 50.70 ? 11 IPY B C27   1 
HETATM 478 C C28   . IPY D 2 .  ? -7.970  5.130   1.183   1.00 59.20 ? 11 IPY B C28   1 
HETATM 479 C C29   . IPY D 2 .  ? 6.109   -5.173  -7.744  1.00 63.59 ? 11 IPY B C29   1 
HETATM 480 C C30   . IPY D 2 .  ? 7.084   -6.229  -7.119  1.00 69.64 ? 11 IPY B C30   1 
HETATM 481 C C31   . IPY D 2 .  ? 6.700   -7.781  -6.858  1.00 89.28 ? 11 IPY B C31   1 
HETATM 482 C C32   . IPY D 2 .  ? -1.983  4.550   -2.054  1.00 40.55 ? 11 IPY B C32   1 
HETATM 483 O O1    . IPY D 2 .  ? -0.197  6.300   -4.636  1.00 47.03 ? 11 IPY B O1    1 
HETATM 484 O O2    . IPY D 2 .  ? 5.462   2.990   -6.277  1.00 63.76 ? 11 IPY B O2    1 
HETATM 485 O O3    . IPY D 2 .  ? 8.289   -3.155  -6.430  1.00 46.36 ? 11 IPY B O3    1 
HETATM 486 O O4    . IPY D 2 .  ? -5.881  5.367   -0.718  1.00 49.54 ? 11 IPY B O4    1 
HETATM 487 O O5    . IPY D 2 .  ? 6.063   -8.031  -5.847  1.00 90.11 ? 11 IPY B O5    1 
HETATM 488 N N     . IPY D 2 .  ? -2.603  6.436   -3.156  1.00 50.54 ? 11 IPY B N     1 
HETATM 489 N N1    . IPY D 2 .  ? 0.291   4.225   -3.873  1.00 40.46 ? 11 IPY B N1    1 
HETATM 490 N N3    . IPY D 2 .  ? 3.335   4.733   -5.714  1.00 64.27 ? 11 IPY B N3    1 
HETATM 491 N N4    . IPY D 2 .  ? 4.254   1.126   -5.811  1.00 48.54 ? 11 IPY B N4    1 
HETATM 492 N N5    . IPY D 2 .  ? 7.478   -0.430  -6.300  1.00 56.11 ? 11 IPY B N5    1 
HETATM 493 N N6    . IPY D 2 .  ? 6.939   -8.846  -7.762  1.00 74.97 ? 11 IPY B N6    1 
HETATM 494 N N7    . IPY D 2 .  ? 5.927   -14.116 -8.172  1.00 96.87 ? 11 IPY B N7    1 
HETATM 495 N N8    . IPY D 2 .  ? -3.824  4.389   -0.418  1.00 40.45 ? 11 IPY B N8    1 
HETATM 496 N N9    . IPY D 2 .  ? -6.870  4.214   1.571   1.00 56.83 ? 11 IPY B N9    1 
HETATM 497 N N10   . IPY D 2 .  ? -4.966  3.017   1.711   1.00 42.72 ? 11 IPY B N10   1 
HETATM 498 N N11   . IPY D 2 .  ? 6.124   -3.736  -7.233  1.00 65.22 ? 11 IPY B N11   1 
HETATM 499 O O     . HOH E 3 .  ? 7.532   -2.624  5.011   1.00 57.65 ? 23 HOH A O     1 
HETATM 500 O O     . HOH E 3 .  ? -0.988  11.763  12.699  1.00 37.63 ? 25 HOH A O     1 
HETATM 501 O O     . HOH E 3 .  ? -11.653 5.550   11.536  1.00 62.81 ? 26 HOH A O     1 
HETATM 502 O O     . HOH E 3 .  ? -5.034  -10.443 -9.767  1.00 41.23 ? 27 HOH A O     1 
HETATM 503 O O     . HOH E 3 .  ? -7.704  1.823   7.548   1.00 61.40 ? 28 HOH A O     1 
HETATM 504 O O     . HOH E 3 .  ? 6.385   -2.245  7.793   1.00 70.98 ? 29 HOH A O     1 
HETATM 505 O O     . HOH E 3 .  ? 4.210   1.315   7.509   1.00 39.40 ? 30 HOH A O     1 
HETATM 506 O O     . HOH E 3 .  ? 0.198   -14.139 -1.417  1.00 62.58 ? 31 HOH A O     1 
HETATM 507 O O     . HOH E 3 .  ? -2.678  -8.870  -1.843  1.00 50.03 ? 32 HOH A O     1 
HETATM 508 O O     . HOH E 3 .  ? 2.031   -3.285  4.218   1.00 57.22 ? 33 HOH A O     1 
HETATM 509 O O     . HOH E 3 .  ? -2.782  -8.144  3.693   1.00 58.74 ? 36 HOH A O     1 
HETATM 510 O O     . HOH E 3 .  ? -3.762  -8.492  0.592   1.00 56.20 ? 37 HOH A O     1 
HETATM 511 O O     . HOH E 3 .  ? -4.949  -10.830 1.192   1.00 80.33 ? 38 HOH A O     1 
HETATM 512 O O     . HOH E 3 .  ? -3.180  -6.211  -4.186  1.00 60.25 ? 39 HOH A O     1 
HETATM 513 O O     . HOH E 3 .  ? 6.147   -13.241 1.697   1.00 75.21 ? 42 HOH A O     1 
HETATM 514 O O     . HOH E 3 .  ? -4.591  -6.677  -1.960  1.00 99.33 ? 48 HOH A O     1 
HETATM 515 O O     . HOH E 3 .  ? 1.391   9.353   9.937   1.00 65.34 ? 51 HOH A O     1 
HETATM 516 O O     . HOH E 3 .  ? -8.688  4.399   4.798   1.00 84.37 ? 54 HOH A O     1 
HETATM 517 O O     . HOH E 3 .  ? -7.236  -7.093  -12.361 1.00 97.12 ? 55 HOH A O     1 
HETATM 518 O O     . HOH E 3 .  ? -8.282  17.525  9.048   1.00 68.60 ? 56 HOH A O     1 
HETATM 519 O O     . HOH E 3 .  ? -13.089 15.803  9.203   1.00 63.61 ? 57 HOH A O     1 
HETATM 520 O O     . HOH E 3 .  ? 5.623   9.506   -2.311  1.00 73.45 ? 58 HOH A O     1 
HETATM 521 O O     . HOH E 3 .  ? -0.612  15.949  -0.570  1.00 60.69 ? 59 HOH A O     1 
HETATM 522 O O     . HOH E 3 .  ? 5.776   -4.248  4.175   1.00 77.26 ? 60 HOH A O     1 
HETATM 523 O O     . HOH E 3 .  ? 1.668   14.007  0.978   1.00 90.56 ? 62 HOH A O     1 
HETATM 524 O O     . HOH E 3 .  ? -5.618  2.324   10.009  1.00 61.37 ? 63 HOH A O     1 
HETATM 525 O O     . HOH E 3 .  ? -7.923  -1.029  15.245  1.00 86.73 ? 64 HOH A O     1 
HETATM 526 O O     . HOH E 3 .  ? -6.353  5.413   11.369  1.00 88.59 ? 67 HOH A O     1 
HETATM 527 O O     . HOH E 3 .  ? -0.927  11.305  10.623  1.00 96.36 ? 68 HOH A O     1 
HETATM 528 O O     . HOH E 3 .  ? -0.361  13.708  12.297  1.00 87.26 ? 69 HOH A O     1 
HETATM 529 O O     . HOH E 3 .  ? -0.218  12.580  -0.731  1.00 66.00 ? 74 HOH A O     1 
HETATM 530 O O     . HOH F 3 .  ? -10.861 -1.854  8.359   1.00 69.50 ? 24 HOH B O     1 
HETATM 531 O O     . HOH F 3 .  ? 3.148   9.487   11.655  1.00 55.36 ? 34 HOH B O     1 
HETATM 532 O O     . HOH F 3 .  ? -11.193 -2.078  5.224   1.00 60.82 ? 35 HOH B O     1 
HETATM 533 O O     . HOH F 3 .  ? 1.329   -4.762  9.150   1.00 61.83 ? 40 HOH B O     1 
HETATM 534 O O     . HOH F 3 .  ? 2.733   5.476   18.808  1.00 99.74 ? 41 HOH B O     1 
HETATM 535 O O     . HOH F 3 .  ? -2.403  10.385  -5.532  1.00 73.03 ? 43 HOH B O     1 
HETATM 536 O O     . HOH F 3 .  ? 4.327   -18.289 -9.099  1.00 61.17 ? 44 HOH B O     1 
HETATM 537 O O     . HOH F 3 .  ? -5.730  7.958   -6.255  1.00 72.76 ? 45 HOH B O     1 
HETATM 538 O O     . HOH F 3 .  ? -1.288  8.915   -8.016  1.00 65.23 ? 46 HOH B O     1 
HETATM 539 O O     . HOH F 3 .  ? -7.227  10.642  -5.227  1.00 62.50 ? 47 HOH B O     1 
HETATM 540 O O     . HOH F 3 .  ? 0.305   -4.933  12.302  1.00 69.74 ? 49 HOH B O     1 
HETATM 541 O O     . HOH F 3 .  ? 4.877   7.299   11.049  1.00 54.02 ? 50 HOH B O     1 
HETATM 542 O O     . HOH F 3 .  ? 5.667   -9.020  -10.015 1.00 58.10 ? 52 HOH B O     1 
HETATM 543 O O     . HOH F 3 .  ? 8.468   -5.279  -5.162  1.00 67.15 ? 53 HOH B O     1 
HETATM 544 O O     . HOH F 3 .  ? 0.923   -3.784  6.693   1.00 66.07 ? 61 HOH B O     1 
HETATM 545 O O     . HOH F 3 .  ? 5.056   5.051   14.835  1.00 86.76 ? 65 HOH B O     1 
HETATM 546 O O     . HOH F 3 .  ? -0.687  -6.785  6.356   1.00 61.87 ? 66 HOH B O     1 
HETATM 547 O O     . HOH F 3 .  ? -1.218  -4.517  7.623   1.00 94.02 ? 70 HOH B O     1 
HETATM 548 O O     . HOH F 3 .  ? -3.717  2.957   16.239  1.00 98.08 ? 71 HOH B O     1 
HETATM 549 O O     . HOH F 3 .  ? -8.093  5.961   -4.844  1.00 67.12 ? 72 HOH B O     1 
HETATM 550 O O     . HOH F 3 .  ? -4.195  -3.996  -7.140  1.00 76.18 ? 73 HOH B O     1 
# 
